data_5YEA
#
_entry.id   5YEA
#
_cell.length_a   115.791
_cell.length_b   83.408
_cell.length_c   96.889
_cell.angle_alpha   90.000
_cell.angle_beta   114.570
_cell.angle_gamma   90.000
#
_symmetry.space_group_name_H-M   'C 1 2 1'
#
loop_
_entity.id
_entity.type
_entity.pdbx_description
1 polymer 'Platelet-activating factor acetylhydrolase'
2 non-polymer 'SULFATE ION'
3 non-polymer '4-[[4-[4-chloranyl-3-(trifluoromethyl)phenoxy]-3-cyano-phenyl]sulfamoyl]benzoic acid'
4 water water
#
_entity_poly.entity_id   1
_entity_poly.type   'polypeptide(L)'
_entity_poly.pdbx_seq_one_letter_code
;GPLGSAAASFGQTKIPRGNGPYSVGCTDLMFDHTNKGTFLRLYYPSQDNDRLDTLWIPNKEYFWGLSKFLGTHWLMGNIL
RLLFGSMTTPANWNSPLRPGEKYPLVVFSHGLGAFRTLYSAIGIDLASHGFIVAAVEHRDRSASATYYFKDQSAAEIGDK
SWLYLRTLKQEEETHIRNEQVRQRAKECSQALSLILDIDHGKPVKNALDLKFDMEQLKDSIDREKIAVIGHSFGGATVIQ
TLSEDQRFRCGIALDAWMFPLGDEVYSRIPQPLFFINSEYFQYPANIIKMKKCYSPDKERKMITIRGSVHQNFADFTFAT
GKIIGHMLKLKGDIDSNVAIDLSNKASLAFLQKHLGLHKDFDQWDCLIEGDDENLIPGTNINTTNQHI
;
_entity_poly.pdbx_strand_id   A,B
#
# COMPACT_ATOMS: atom_id res chain seq x y z
N GLN A 12 34.02 12.46 21.92
CA GLN A 12 33.74 12.58 20.49
C GLN A 12 32.46 13.38 20.26
N THR A 13 31.60 12.85 19.39
CA THR A 13 30.24 13.34 19.29
C THR A 13 29.52 13.15 20.62
N LYS A 14 28.49 13.97 20.83
CA LYS A 14 27.64 13.79 21.99
C LYS A 14 26.27 13.26 21.61
N ILE A 15 26.03 12.93 20.33
CA ILE A 15 24.81 12.23 19.97
C ILE A 15 24.90 10.83 20.56
N PRO A 16 23.93 10.41 21.37
CA PRO A 16 24.07 9.14 22.09
C PRO A 16 24.02 7.94 21.15
N ARG A 17 24.85 6.94 21.48
CA ARG A 17 24.77 5.65 20.82
C ARG A 17 23.43 4.98 21.10
N GLY A 18 23.02 4.09 20.21
CA GLY A 18 21.79 3.35 20.44
C GLY A 18 21.91 2.44 21.65
N ASN A 19 20.80 2.30 22.39
CA ASN A 19 20.74 1.50 23.61
C ASN A 19 20.51 0.01 23.36
N GLY A 20 20.11 -0.38 22.13
CA GLY A 20 19.74 -1.75 21.86
C GLY A 20 20.93 -2.63 21.55
N PRO A 21 20.66 -3.92 21.37
CA PRO A 21 21.75 -4.89 21.21
C PRO A 21 22.34 -4.97 19.81
N TYR A 22 21.72 -4.38 18.80
CA TYR A 22 22.23 -4.42 17.44
C TYR A 22 23.23 -3.29 17.21
N SER A 23 24.30 -3.57 16.49
CA SER A 23 25.10 -2.44 16.02
C SER A 23 24.40 -1.79 14.84
N VAL A 24 24.76 -0.53 14.58
CA VAL A 24 23.99 0.30 13.67
C VAL A 24 24.86 0.74 12.50
N GLY A 25 24.33 0.61 11.29
CA GLY A 25 24.93 1.17 10.10
C GLY A 25 24.08 2.31 9.57
N CYS A 26 24.66 3.05 8.63
CA CYS A 26 23.95 4.17 8.02
C CYS A 26 24.45 4.39 6.60
N THR A 27 23.54 4.71 5.69
CA THR A 27 23.88 5.08 4.33
C THR A 27 22.78 6.01 3.82
N ASP A 28 22.96 6.54 2.60
CA ASP A 28 21.99 7.39 1.95
C ASP A 28 21.53 6.74 0.64
N LEU A 29 20.27 7.00 0.29
CA LEU A 29 19.67 6.46 -0.93
C LEU A 29 18.89 7.57 -1.62
N MET A 30 19.19 7.81 -2.91
CA MET A 30 18.40 8.72 -3.72
C MET A 30 17.97 7.99 -4.99
N PHE A 31 16.66 7.88 -5.21
CA PHE A 31 16.13 7.28 -6.43
C PHE A 31 14.67 7.65 -6.63
N ASP A 32 14.30 8.16 -7.81
CA ASP A 32 15.25 8.46 -8.90
C ASP A 32 16.06 9.71 -8.57
N HIS A 33 16.86 10.18 -9.53
CA HIS A 33 17.77 11.30 -9.29
C HIS A 33 17.10 12.65 -9.29
N THR A 34 15.82 12.75 -9.68
CA THR A 34 15.17 14.03 -9.94
C THR A 34 14.61 14.66 -8.67
N ASN A 35 14.13 15.89 -8.80
CA ASN A 35 13.50 16.55 -7.67
C ASN A 35 12.20 15.87 -7.24
N LYS A 36 11.67 14.96 -8.05
CA LYS A 36 10.48 14.21 -7.70
C LYS A 36 10.79 12.80 -7.22
N GLY A 37 12.06 12.39 -7.25
CA GLY A 37 12.45 11.11 -6.70
C GLY A 37 12.47 11.13 -5.18
N THR A 38 12.91 10.01 -4.61
CA THR A 38 12.98 9.84 -3.17
C THR A 38 14.42 10.01 -2.69
N PHE A 39 14.58 10.71 -1.57
CA PHE A 39 15.88 10.91 -0.92
C PHE A 39 15.70 10.54 0.54
N LEU A 40 16.51 9.61 1.04
CA LEU A 40 16.42 9.22 2.45
C LEU A 40 17.79 8.82 3.00
N ARG A 41 17.95 8.99 4.31
CA ARG A 41 19.05 8.40 5.06
C ARG A 41 18.54 7.15 5.74
N LEU A 42 19.22 6.01 5.53
CA LEU A 42 18.84 4.74 6.13
C LEU A 42 19.70 4.42 7.36
N TYR A 43 19.06 4.10 8.49
CA TYR A 43 19.72 3.50 9.64
C TYR A 43 19.23 2.05 9.76
N TYR A 44 20.14 1.12 10.05
CA TYR A 44 19.80 -0.29 9.93
C TYR A 44 20.71 -1.11 10.84
N PRO A 45 20.30 -2.32 11.22
CA PRO A 45 21.18 -3.21 11.98
C PRO A 45 22.34 -3.67 11.11
N SER A 46 23.56 -3.51 11.60
CA SER A 46 24.73 -3.77 10.77
C SER A 46 25.42 -5.08 11.18
N GLN A 47 26.02 -5.73 10.19
CA GLN A 47 26.80 -6.94 10.45
C GLN A 47 28.02 -6.63 11.29
N ASP A 48 28.69 -5.51 11.02
CA ASP A 48 29.95 -5.16 11.64
C ASP A 48 29.82 -3.88 12.44
N ASN A 49 30.65 -3.77 13.48
CA ASN A 49 30.74 -2.54 14.26
C ASN A 49 32.16 -1.99 14.18
N ASP A 50 32.66 -1.79 12.95
CA ASP A 50 34.05 -1.41 12.77
C ASP A 50 34.35 -0.05 13.38
N ARG A 51 33.62 0.98 13.00
CA ARG A 51 34.08 2.29 13.44
C ARG A 51 32.84 3.23 13.28
N LEU A 52 32.61 4.15 14.23
CA LEU A 52 31.40 5.01 14.25
C LEU A 52 31.67 6.34 13.54
N ASP A 53 31.62 6.30 12.21
CA ASP A 53 32.24 7.35 11.41
C ASP A 53 31.26 8.11 10.51
N THR A 54 29.95 7.95 10.70
CA THR A 54 28.99 8.65 9.84
C THR A 54 29.07 10.16 10.06
N LEU A 55 29.19 10.91 8.96
CA LEU A 55 29.22 12.36 9.01
C LEU A 55 27.82 12.88 9.29
N TRP A 56 27.67 13.73 10.32
CA TRP A 56 26.34 14.11 10.80
C TRP A 56 25.64 15.05 9.83
N ILE A 57 26.31 16.12 9.44
CA ILE A 57 25.79 17.08 8.47
C ILE A 57 26.76 17.11 7.29
N PRO A 58 26.41 16.50 6.18
CA PRO A 58 27.43 16.08 5.19
C PRO A 58 27.81 17.09 4.12
N ASN A 59 27.17 18.25 4.04
CA ASN A 59 27.46 19.22 2.99
C ASN A 59 27.35 20.63 3.54
N LYS A 60 28.20 21.52 3.01
CA LYS A 60 28.24 22.89 3.49
C LYS A 60 26.91 23.59 3.27
N GLU A 61 26.16 23.20 2.23
CA GLU A 61 24.93 23.93 1.92
C GLU A 61 23.85 23.73 2.99
N TYR A 62 23.87 22.60 3.72
CA TYR A 62 22.94 22.46 4.84
C TYR A 62 23.18 23.52 5.90
N PHE A 63 24.44 23.87 6.15
CA PHE A 63 24.73 24.91 7.13
C PHE A 63 24.27 26.28 6.64
N TRP A 64 24.45 26.57 5.36
CA TRP A 64 23.90 27.80 4.80
C TRP A 64 22.38 27.82 4.92
N GLY A 65 21.73 26.68 4.68
CA GLY A 65 20.29 26.62 4.81
C GLY A 65 19.83 26.86 6.23
N LEU A 66 20.53 26.27 7.20
CA LEU A 66 20.17 26.47 8.61
C LEU A 66 20.30 27.93 9.01
N SER A 67 21.34 28.61 8.53
CA SER A 67 21.48 30.03 8.85
C SER A 67 20.32 30.83 8.29
N LYS A 68 19.92 30.53 7.04
CA LYS A 68 18.76 31.20 6.46
C LYS A 68 17.50 30.93 7.25
N PHE A 69 17.30 29.67 7.67
CA PHE A 69 16.13 29.33 8.48
C PHE A 69 16.11 30.09 9.80
N LEU A 70 17.29 30.29 10.40
CA LEU A 70 17.41 30.98 11.67
C LEU A 70 17.42 32.50 11.54
N GLY A 71 17.28 33.02 10.32
CA GLY A 71 17.25 34.46 10.12
C GLY A 71 18.58 35.14 10.03
N THR A 72 19.69 34.40 9.89
CA THR A 72 21.00 35.00 9.75
C THR A 72 21.49 34.80 8.31
N HIS A 73 22.75 35.15 8.05
CA HIS A 73 23.30 35.17 6.71
C HIS A 73 24.43 34.15 6.57
N TRP A 74 25.19 34.27 5.47
CA TRP A 74 26.21 33.28 5.12
C TRP A 74 27.37 33.25 6.09
N LEU A 75 27.62 34.33 6.82
CA LEU A 75 28.69 34.29 7.82
C LEU A 75 28.37 33.30 8.94
N MET A 76 27.12 33.29 9.39
CA MET A 76 26.76 32.32 10.42
C MET A 76 26.80 30.90 9.88
N GLY A 77 26.38 30.71 8.63
CA GLY A 77 26.46 29.39 8.03
C GLY A 77 27.87 28.83 8.09
N ASN A 78 28.86 29.66 7.74
CA ASN A 78 30.25 29.21 7.80
C ASN A 78 30.70 28.98 9.22
N ILE A 79 30.15 29.71 10.20
CA ILE A 79 30.52 29.48 11.59
C ILE A 79 29.98 28.13 12.06
N LEU A 80 28.71 27.85 11.76
CA LEU A 80 28.15 26.53 12.04
C LEU A 80 29.01 25.43 11.41
N ARG A 81 29.40 25.61 10.14
CA ARG A 81 30.21 24.60 9.48
C ARG A 81 31.54 24.39 10.22
N LEU A 82 32.17 25.48 10.67
CA LEU A 82 33.40 25.33 11.43
C LEU A 82 33.16 24.54 12.71
N LEU A 83 32.04 24.84 13.39
CA LEU A 83 31.76 24.19 14.67
C LEU A 83 31.34 22.73 14.50
N PHE A 84 30.53 22.44 13.49
CA PHE A 84 29.84 21.17 13.40
C PHE A 84 30.11 20.37 12.13
N GLY A 85 30.88 20.91 11.19
CA GLY A 85 31.03 20.32 9.87
C GLY A 85 31.83 19.03 9.82
N SER A 86 32.55 18.68 10.89
CA SER A 86 33.21 17.39 10.95
C SER A 86 32.67 16.50 12.06
N MET A 87 31.59 16.91 12.74
CA MET A 87 31.04 16.09 13.80
C MET A 87 30.46 14.80 13.22
N THR A 88 30.63 13.71 13.95
CA THR A 88 30.08 12.43 13.55
C THR A 88 28.79 12.15 14.31
N THR A 89 28.09 11.12 13.87
CA THR A 89 27.00 10.55 14.61
C THR A 89 27.27 9.05 14.70
N PRO A 90 26.87 8.40 15.79
CA PRO A 90 27.42 7.05 16.08
C PRO A 90 26.74 5.93 15.28
N ALA A 91 27.10 5.84 13.99
CA ALA A 91 26.68 4.75 13.13
C ALA A 91 27.82 4.40 12.17
N ASN A 92 27.85 3.13 11.77
CA ASN A 92 28.88 2.59 10.87
C ASN A 92 28.52 2.97 9.43
N TRP A 93 29.25 3.92 8.85
CA TRP A 93 28.90 4.40 7.50
C TRP A 93 29.12 3.29 6.48
N ASN A 94 28.05 2.93 5.78
CA ASN A 94 28.03 1.95 4.69
C ASN A 94 28.37 0.53 5.16
N SER A 95 28.26 0.25 6.46
CA SER A 95 28.48 -1.10 6.94
C SER A 95 27.44 -2.07 6.35
N PRO A 96 27.82 -3.32 6.09
CA PRO A 96 26.86 -4.27 5.53
C PRO A 96 25.68 -4.48 6.46
N LEU A 97 24.52 -4.67 5.85
CA LEU A 97 23.31 -5.00 6.60
C LEU A 97 23.46 -6.35 7.27
N ARG A 98 22.95 -6.47 8.50
CA ARG A 98 23.02 -7.75 9.20
C ARG A 98 22.05 -8.73 8.56
N PRO A 99 22.51 -9.88 8.05
CA PRO A 99 21.64 -10.79 7.32
C PRO A 99 20.82 -11.68 8.26
N GLY A 100 19.90 -12.43 7.66
CA GLY A 100 19.22 -13.52 8.33
C GLY A 100 17.96 -13.15 9.12
N GLU A 101 17.43 -11.95 8.93
CA GLU A 101 16.27 -11.51 9.69
C GLU A 101 15.51 -10.49 8.87
N LYS A 102 14.18 -10.50 8.98
CA LYS A 102 13.34 -9.49 8.37
C LYS A 102 13.05 -8.42 9.42
N TYR A 103 13.33 -7.17 9.08
CA TYR A 103 13.23 -6.13 10.11
C TYR A 103 11.98 -5.28 9.92
N PRO A 104 11.31 -4.90 11.01
CA PRO A 104 10.24 -3.89 10.89
C PRO A 104 10.84 -2.59 10.40
N LEU A 105 9.99 -1.76 9.79
CA LEU A 105 10.44 -0.58 9.07
C LEU A 105 9.73 0.67 9.58
N VAL A 106 10.50 1.73 9.83
CA VAL A 106 9.98 3.04 10.20
C VAL A 106 10.35 4.01 9.09
N VAL A 107 9.37 4.80 8.62
CA VAL A 107 9.62 5.97 7.79
C VAL A 107 9.51 7.20 8.69
N PHE A 108 10.54 8.07 8.67
CA PHE A 108 10.64 9.19 9.59
C PHE A 108 10.60 10.52 8.84
N SER A 109 9.80 11.47 9.32
CA SER A 109 9.61 12.76 8.67
C SER A 109 10.12 13.91 9.56
N HIS A 110 11.01 14.74 9.01
CA HIS A 110 11.70 15.81 9.75
C HIS A 110 10.81 17.05 9.87
N GLY A 111 11.17 17.92 10.82
CA GLY A 111 10.43 19.16 11.00
C GLY A 111 10.83 20.28 10.04
N LEU A 112 10.20 21.43 10.23
CA LEU A 112 10.49 22.60 9.41
C LEU A 112 11.91 23.09 9.69
N GLY A 113 12.66 23.38 8.64
CA GLY A 113 14.03 23.82 8.79
C GLY A 113 15.03 22.72 9.12
N ALA A 114 14.59 21.47 9.27
CA ALA A 114 15.50 20.35 9.44
C ALA A 114 15.81 19.74 8.07
N PHE A 115 16.32 18.52 8.08
CA PHE A 115 16.61 17.70 6.89
C PHE A 115 16.88 16.28 7.39
N ARG A 116 17.32 15.39 6.50
CA ARG A 116 17.18 13.97 6.82
C ARG A 116 18.12 13.50 7.93
N THR A 117 19.20 14.22 8.22
CA THR A 117 20.24 13.73 9.11
C THR A 117 20.11 14.21 10.54
N LEU A 118 19.12 15.06 10.86
CA LEU A 118 19.07 15.73 12.15
C LEU A 118 18.27 14.97 13.21
N TYR A 119 17.83 13.77 12.91
CA TYR A 119 17.13 12.96 13.89
C TYR A 119 17.80 11.61 14.05
N SER A 120 19.15 11.63 14.04
CA SER A 120 19.90 10.40 14.13
C SER A 120 19.89 9.81 15.53
N ALA A 121 19.67 10.61 16.58
CA ALA A 121 19.55 10.01 17.91
C ALA A 121 18.37 9.04 17.96
N ILE A 122 17.24 9.44 17.37
CA ILE A 122 16.09 8.54 17.28
C ILE A 122 16.37 7.40 16.31
N GLY A 123 16.86 7.72 15.11
CA GLY A 123 17.05 6.69 14.10
C GLY A 123 18.04 5.63 14.55
N ILE A 124 19.13 6.07 15.18
CA ILE A 124 20.13 5.10 15.60
C ILE A 124 19.59 4.25 16.74
N ASP A 125 18.82 4.84 17.66
CA ASP A 125 18.29 3.99 18.74
C ASP A 125 17.30 2.96 18.22
N LEU A 126 16.40 3.36 17.30
CA LEU A 126 15.49 2.39 16.70
C LEU A 126 16.25 1.27 16.00
N ALA A 127 17.24 1.63 15.16
CA ALA A 127 18.01 0.61 14.44
C ALA A 127 18.74 -0.30 15.41
N SER A 128 19.26 0.24 16.51
CA SER A 128 19.92 -0.61 17.49
C SER A 128 18.97 -1.58 18.18
N HIS A 129 17.65 -1.37 18.07
CA HIS A 129 16.68 -2.32 18.57
C HIS A 129 16.10 -3.20 17.47
N GLY A 130 16.68 -3.16 16.28
CA GLY A 130 16.31 -4.08 15.22
C GLY A 130 15.35 -3.56 14.18
N PHE A 131 15.24 -2.24 14.02
CA PHE A 131 14.47 -1.61 12.96
C PHE A 131 15.38 -1.18 11.82
N ILE A 132 14.82 -1.16 10.62
CA ILE A 132 15.36 -0.31 9.57
C ILE A 132 14.60 1.01 9.61
N VAL A 133 15.31 2.13 9.53
CA VAL A 133 14.72 3.46 9.59
C VAL A 133 15.07 4.20 8.32
N ALA A 134 14.05 4.71 7.63
CA ALA A 134 14.23 5.54 6.44
C ALA A 134 13.82 6.96 6.80
N ALA A 135 14.81 7.81 7.07
CA ALA A 135 14.55 9.23 7.33
C ALA A 135 14.51 9.98 6.00
N VAL A 136 13.31 10.40 5.59
CA VAL A 136 13.11 11.04 4.30
C VAL A 136 13.65 12.47 4.32
N GLU A 137 14.15 12.94 3.19
CA GLU A 137 14.44 14.36 3.02
C GLU A 137 13.37 14.95 2.11
N HIS A 138 12.59 15.89 2.65
CA HIS A 138 11.45 16.41 1.91
C HIS A 138 11.90 17.44 0.89
N ARG A 139 11.22 17.45 -0.26
CA ARG A 139 11.51 18.38 -1.33
C ARG A 139 10.40 19.40 -1.48
N ASP A 140 9.64 19.63 -0.41
CA ASP A 140 8.54 20.58 -0.40
C ASP A 140 9.00 22.00 -0.05
N ARG A 141 10.31 22.22 0.06
CA ARG A 141 10.90 23.50 0.51
C ARG A 141 10.63 23.76 2.00
N SER A 142 10.27 22.72 2.74
CA SER A 142 10.27 22.77 4.20
C SER A 142 11.62 22.41 4.80
N ALA A 143 12.50 21.72 4.07
CA ALA A 143 13.83 21.49 4.61
C ALA A 143 14.66 22.77 4.50
N SER A 144 15.56 22.98 5.46
CA SER A 144 16.50 24.11 5.37
C SER A 144 17.21 24.09 4.02
N ALA A 145 17.62 22.91 3.59
CA ALA A 145 18.21 22.67 2.27
C ALA A 145 17.98 21.22 1.91
N THR A 146 17.99 20.95 0.61
CA THR A 146 18.06 19.60 0.07
C THR A 146 18.60 19.72 -1.35
N TYR A 147 18.91 18.59 -1.95
CA TYR A 147 19.40 18.63 -3.32
C TYR A 147 18.89 17.44 -4.11
N TYR A 148 19.07 17.55 -5.43
CA TYR A 148 18.64 16.59 -6.42
C TYR A 148 19.52 16.81 -7.65
N PHE A 149 19.27 16.03 -8.71
CA PHE A 149 20.05 16.14 -9.93
C PHE A 149 19.14 16.39 -11.13
N LYS A 150 19.59 17.26 -12.03
CA LYS A 150 18.77 17.63 -13.18
C LYS A 150 18.81 16.59 -14.29
N ASP A 151 19.85 15.74 -14.34
CA ASP A 151 19.83 14.58 -15.22
C ASP A 151 20.80 13.53 -14.68
N GLN A 152 20.86 12.39 -15.37
CA GLN A 152 21.70 11.29 -14.91
C GLN A 152 23.18 11.65 -14.95
N SER A 153 23.60 12.41 -15.97
CA SER A 153 24.99 12.84 -16.05
C SER A 153 25.40 13.70 -14.86
N ALA A 154 24.52 14.60 -14.45
CA ALA A 154 24.80 15.41 -13.26
C ALA A 154 24.96 14.53 -12.02
N ALA A 155 24.14 13.48 -11.90
CA ALA A 155 24.27 12.57 -10.77
C ALA A 155 25.61 11.83 -10.82
N GLU A 156 26.04 11.43 -12.02
CA GLU A 156 27.33 10.75 -12.15
C GLU A 156 28.48 11.64 -11.71
N ILE A 157 28.38 12.95 -12.01
CA ILE A 157 29.44 13.91 -11.70
C ILE A 157 29.35 14.44 -10.27
N GLY A 158 28.23 14.23 -9.58
CA GLY A 158 28.02 14.86 -8.30
C GLY A 158 27.68 16.32 -8.44
N ASP A 159 27.06 16.70 -9.56
CA ASP A 159 26.72 18.11 -9.88
C ASP A 159 25.34 18.39 -9.29
N LYS A 160 25.32 18.80 -8.02
CA LYS A 160 24.08 18.90 -7.25
C LYS A 160 23.34 20.20 -7.53
N SER A 161 22.01 20.11 -7.55
CA SER A 161 21.12 21.27 -7.63
C SER A 161 20.46 21.46 -6.26
N TRP A 162 20.68 22.60 -5.62
CA TRP A 162 20.26 22.81 -4.25
C TRP A 162 18.94 23.57 -4.20
N LEU A 163 18.09 23.19 -3.24
CA LEU A 163 16.77 23.77 -3.06
C LEU A 163 16.64 24.18 -1.61
N TYR A 164 16.41 25.47 -1.35
CA TYR A 164 16.44 26.00 0.01
C TYR A 164 15.04 26.32 0.53
N LEU A 165 14.95 26.38 1.85
CA LEU A 165 13.70 26.65 2.53
C LEU A 165 12.99 27.88 1.96
N ARG A 166 11.68 27.75 1.83
CA ARG A 166 10.82 28.82 1.33
C ARG A 166 10.20 29.54 2.52
N THR A 167 10.40 30.84 2.60
CA THR A 167 9.67 31.60 3.61
C THR A 167 8.33 32.06 3.04
N LEU A 168 7.32 32.12 3.90
CA LEU A 168 5.94 32.35 3.47
C LEU A 168 5.43 33.68 4.01
N LYS A 169 4.69 34.38 3.17
CA LYS A 169 3.88 35.49 3.67
C LYS A 169 2.71 34.93 4.47
N GLN A 170 2.27 35.71 5.46
CA GLN A 170 1.17 35.25 6.32
C GLN A 170 -0.03 34.84 5.49
N GLU A 171 -0.30 35.55 4.39
CA GLU A 171 -1.44 35.21 3.55
C GLU A 171 -1.25 33.85 2.86
N GLU A 172 -0.02 33.38 2.74
CA GLU A 172 0.27 32.12 2.08
C GLU A 172 0.20 30.91 3.00
N GLU A 173 0.18 31.12 4.33
CA GLU A 173 0.51 30.05 5.27
C GLU A 173 -0.49 28.91 5.18
N THR A 174 -1.79 29.21 5.26
CA THR A 174 -2.79 28.15 5.33
C THR A 174 -2.72 27.27 4.10
N HIS A 175 -2.71 27.88 2.90
CA HIS A 175 -2.71 27.10 1.67
C HIS A 175 -1.39 26.35 1.47
N ILE A 176 -0.26 27.05 1.61
CA ILE A 176 1.01 26.43 1.24
C ILE A 176 1.38 25.34 2.24
N ARG A 177 1.12 25.56 3.53
CA ARG A 177 1.45 24.52 4.51
C ARG A 177 0.62 23.27 4.28
N ASN A 178 -0.65 23.42 3.86
CA ASN A 178 -1.42 22.22 3.57
C ASN A 178 -0.94 21.54 2.29
N GLU A 179 -0.57 22.33 1.27
CA GLU A 179 0.07 21.73 0.09
C GLU A 179 1.33 20.97 0.46
N GLN A 180 2.13 21.54 1.36
CA GLN A 180 3.36 20.89 1.80
C GLN A 180 3.09 19.60 2.56
N VAL A 181 2.09 19.59 3.45
CA VAL A 181 1.86 18.36 4.21
C VAL A 181 1.36 17.26 3.30
N ARG A 182 0.63 17.61 2.24
CA ARG A 182 0.19 16.61 1.28
C ARG A 182 1.37 16.07 0.47
N GLN A 183 2.29 16.94 0.07
CA GLN A 183 3.50 16.48 -0.62
C GLN A 183 4.36 15.63 0.31
N ARG A 184 4.47 16.03 1.59
CA ARG A 184 5.25 15.25 2.55
C ARG A 184 4.69 13.84 2.72
N ALA A 185 3.36 13.71 2.76
CA ALA A 185 2.74 12.39 2.88
C ALA A 185 2.99 11.55 1.64
N LYS A 186 2.88 12.19 0.47
CA LYS A 186 3.22 11.48 -0.76
C LYS A 186 4.67 11.03 -0.73
N GLU A 187 5.58 11.85 -0.18
CA GLU A 187 6.99 11.46 -0.14
C GLU A 187 7.24 10.34 0.86
N CYS A 188 6.49 10.30 1.98
CA CYS A 188 6.60 9.17 2.88
C CYS A 188 6.08 7.89 2.22
N SER A 189 4.96 7.98 1.51
CA SER A 189 4.42 6.80 0.82
C SER A 189 5.33 6.37 -0.33
N GLN A 190 5.95 7.34 -1.02
CA GLN A 190 6.86 7.00 -2.10
C GLN A 190 8.13 6.35 -1.56
N ALA A 191 8.63 6.83 -0.42
CA ALA A 191 9.82 6.21 0.16
C ALA A 191 9.51 4.79 0.60
N LEU A 192 8.34 4.59 1.20
CA LEU A 192 7.94 3.24 1.58
C LEU A 192 7.92 2.34 0.35
N SER A 193 7.34 2.82 -0.75
CA SER A 193 7.24 2.00 -1.95
C SER A 193 8.62 1.67 -2.51
N LEU A 194 9.54 2.63 -2.47
CA LEU A 194 10.90 2.35 -2.92
C LEU A 194 11.53 1.22 -2.12
N ILE A 195 11.43 1.29 -0.78
CA ILE A 195 12.04 0.26 0.06
C ILE A 195 11.36 -1.08 -0.17
N LEU A 196 10.02 -1.09 -0.22
CA LEU A 196 9.30 -2.35 -0.43
C LEU A 196 9.64 -2.93 -1.80
N ASP A 197 9.75 -2.08 -2.82
CA ASP A 197 10.11 -2.57 -4.15
C ASP A 197 11.53 -3.14 -4.17
N ILE A 198 12.49 -2.47 -3.53
CA ILE A 198 13.83 -3.04 -3.39
C ILE A 198 13.78 -4.36 -2.64
N ASP A 199 12.97 -4.42 -1.57
CA ASP A 199 12.83 -5.65 -0.80
C ASP A 199 12.40 -6.83 -1.67
N HIS A 200 11.64 -6.56 -2.73
CA HIS A 200 11.16 -7.63 -3.60
C HIS A 200 11.86 -7.62 -4.95
N GLY A 201 13.05 -7.02 -5.02
CA GLY A 201 13.97 -7.28 -6.11
C GLY A 201 13.99 -6.26 -7.22
N LYS A 202 13.37 -5.11 -7.03
CA LYS A 202 13.46 -4.07 -8.03
C LYS A 202 14.91 -3.61 -8.17
N PRO A 203 15.49 -3.64 -9.37
CA PRO A 203 16.82 -3.08 -9.55
C PRO A 203 16.78 -1.56 -9.40
N VAL A 204 17.66 -1.03 -8.58
CA VAL A 204 17.75 0.41 -8.36
C VAL A 204 19.18 0.84 -8.52
N LYS A 205 19.40 1.94 -9.24
CA LYS A 205 20.71 2.56 -9.34
C LYS A 205 20.70 3.80 -8.45
N ASN A 206 21.27 3.68 -7.26
CA ASN A 206 21.39 4.81 -6.36
C ASN A 206 22.00 6.00 -7.08
N ALA A 207 21.32 7.15 -7.05
CA ALA A 207 21.90 8.33 -7.68
C ALA A 207 23.17 8.80 -6.96
N LEU A 208 23.39 8.34 -5.73
CA LEU A 208 24.64 8.61 -5.03
C LEU A 208 25.55 7.39 -5.16
N ASP A 209 26.81 7.63 -5.49
CA ASP A 209 27.79 6.55 -5.56
C ASP A 209 28.35 6.31 -4.16
N LEU A 210 27.92 5.22 -3.53
CA LEU A 210 28.29 4.89 -2.17
C LEU A 210 28.61 3.40 -2.12
N LYS A 211 29.50 3.03 -1.21
CA LYS A 211 29.93 1.64 -1.10
C LYS A 211 28.98 0.77 -0.28
N PHE A 212 27.67 1.00 -0.39
CA PHE A 212 26.65 0.12 0.19
C PHE A 212 25.79 -0.38 -0.97
N ASP A 213 25.80 -1.69 -1.19
CA ASP A 213 25.06 -2.28 -2.29
C ASP A 213 23.60 -2.42 -1.91
N MET A 214 22.71 -1.66 -2.57
CA MET A 214 21.30 -1.72 -2.20
C MET A 214 20.68 -3.09 -2.44
N GLU A 215 21.36 -3.99 -3.16
CA GLU A 215 20.81 -5.33 -3.32
C GLU A 215 20.74 -6.08 -1.99
N GLN A 216 21.54 -5.67 -1.00
CA GLN A 216 21.47 -6.28 0.33
C GLN A 216 20.08 -6.16 0.93
N LEU A 217 19.33 -5.13 0.56
CA LEU A 217 18.01 -4.91 1.13
C LEU A 217 16.96 -5.87 0.59
N LYS A 218 17.29 -6.67 -0.42
CA LYS A 218 16.35 -7.68 -0.90
C LYS A 218 15.97 -8.61 0.25
N ASP A 219 14.66 -8.86 0.38
CA ASP A 219 14.12 -9.80 1.36
C ASP A 219 14.56 -9.45 2.79
N SER A 220 14.71 -8.15 3.09
CA SER A 220 15.13 -7.70 4.42
C SER A 220 14.03 -7.05 5.25
N ILE A 221 12.82 -6.85 4.70
CA ILE A 221 11.78 -6.08 5.36
C ILE A 221 10.68 -7.01 5.82
N ASP A 222 10.22 -6.82 7.06
CA ASP A 222 9.00 -7.43 7.55
C ASP A 222 7.85 -6.53 7.10
N ARG A 223 7.20 -6.93 6.00
CA ARG A 223 6.33 -6.02 5.26
C ARG A 223 5.00 -5.73 5.98
N GLU A 224 4.62 -6.54 6.98
CA GLU A 224 3.45 -6.24 7.80
C GLU A 224 3.74 -5.27 8.94
N LYS A 225 5.00 -4.98 9.25
CA LYS A 225 5.35 -4.24 10.45
C LYS A 225 5.98 -2.90 10.06
N ILE A 226 5.14 -1.98 9.62
CA ILE A 226 5.55 -0.69 9.07
C ILE A 226 4.93 0.41 9.92
N ALA A 227 5.74 1.39 10.31
CA ALA A 227 5.23 2.55 11.04
C ALA A 227 5.78 3.83 10.44
N VAL A 228 5.06 4.93 10.66
CA VAL A 228 5.55 6.26 10.29
C VAL A 228 5.71 7.08 11.57
N ILE A 229 6.83 7.79 11.67
CA ILE A 229 7.14 8.61 12.85
C ILE A 229 7.64 9.95 12.32
N GLY A 230 7.37 11.04 13.06
CA GLY A 230 7.79 12.35 12.60
C GLY A 230 7.73 13.38 13.71
N HIS A 231 8.52 14.45 13.54
CA HIS A 231 8.62 15.51 14.54
C HIS A 231 8.11 16.82 13.97
N SER A 232 7.26 17.51 14.73
CA SER A 232 6.81 18.88 14.43
C SER A 232 6.02 18.88 13.11
N PHE A 233 6.52 19.54 12.04
CA PHE A 233 5.89 19.36 10.72
C PHE A 233 5.75 17.87 10.40
N GLY A 234 6.76 17.08 10.79
CA GLY A 234 6.74 15.64 10.56
C GLY A 234 5.69 14.91 11.38
N GLY A 235 5.27 15.49 12.50
CA GLY A 235 4.17 14.93 13.25
C GLY A 235 2.85 15.11 12.52
N ALA A 236 2.64 16.29 11.95
CA ALA A 236 1.48 16.46 11.07
C ALA A 236 1.59 15.51 9.87
N THR A 237 2.80 15.33 9.34
CA THR A 237 3.00 14.41 8.23
C THR A 237 2.63 12.98 8.60
N VAL A 238 2.90 12.57 9.84
CA VAL A 238 2.47 11.25 10.30
C VAL A 238 0.97 11.08 10.10
N ILE A 239 0.20 12.09 10.49
CA ILE A 239 -1.25 11.96 10.48
C ILE A 239 -1.78 11.97 9.04
N GLN A 240 -1.27 12.87 8.20
CA GLN A 240 -1.65 12.89 6.79
C GLN A 240 -1.29 11.58 6.11
N THR A 241 -0.11 11.03 6.41
CA THR A 241 0.34 9.79 5.79
C THR A 241 -0.54 8.62 6.20
N LEU A 242 -0.84 8.51 7.50
CA LEU A 242 -1.72 7.43 7.95
C LEU A 242 -3.08 7.49 7.26
N SER A 243 -3.60 8.71 7.10
CA SER A 243 -4.91 8.88 6.48
C SER A 243 -4.92 8.35 5.06
N GLU A 244 -3.81 8.52 4.34
CA GLU A 244 -3.75 8.18 2.92
C GLU A 244 -3.29 6.76 2.65
N ASP A 245 -2.47 6.18 3.52
CA ASP A 245 -1.69 4.99 3.19
C ASP A 245 -1.83 3.95 4.31
N GLN A 246 -2.66 2.94 4.09
CA GLN A 246 -2.89 1.97 5.15
C GLN A 246 -1.79 0.90 5.23
N ARG A 247 -0.74 1.00 4.41
CA ARG A 247 0.40 0.12 4.62
C ARG A 247 1.12 0.48 5.92
N PHE A 248 1.00 1.73 6.34
CA PHE A 248 1.51 2.15 7.64
C PHE A 248 0.51 1.68 8.71
N ARG A 249 0.98 0.88 9.65
CA ARG A 249 0.07 0.22 10.58
C ARG A 249 -0.12 0.99 11.88
N CYS A 250 0.72 1.99 12.15
CA CYS A 250 0.56 2.86 13.30
C CYS A 250 1.49 4.04 13.12
N GLY A 251 1.25 5.10 13.89
CA GLY A 251 2.04 6.32 13.78
C GLY A 251 2.41 6.83 15.16
N ILE A 252 3.56 7.50 15.21
CA ILE A 252 3.99 8.20 16.42
C ILE A 252 4.31 9.63 16.00
N ALA A 253 3.58 10.58 16.58
CA ALA A 253 3.77 12.00 16.29
C ALA A 253 4.53 12.61 17.45
N LEU A 254 5.73 13.09 17.16
CA LEU A 254 6.58 13.71 18.18
C LEU A 254 6.35 15.21 18.14
N ASP A 255 5.69 15.75 19.17
CA ASP A 255 5.40 17.19 19.26
C ASP A 255 4.86 17.72 17.92
N ALA A 256 3.77 17.12 17.47
CA ALA A 256 3.19 17.51 16.19
C ALA A 256 2.79 18.99 16.17
N TRP A 257 3.09 19.65 15.06
CA TRP A 257 2.56 20.96 14.72
C TRP A 257 1.39 20.71 13.79
N MET A 258 0.17 20.95 14.28
CA MET A 258 -1.04 20.47 13.61
C MET A 258 -1.59 21.45 12.58
N PHE A 259 -1.12 22.69 12.58
CA PHE A 259 -1.63 23.71 11.67
C PHE A 259 -1.75 23.27 10.22
N PRO A 260 -0.81 22.53 9.63
CA PRO A 260 -0.93 22.21 8.18
C PRO A 260 -2.11 21.33 7.80
N LEU A 261 -2.73 20.63 8.76
CA LEU A 261 -3.68 19.57 8.42
C LEU A 261 -5.05 20.13 8.08
N GLY A 262 -5.66 19.58 7.03
CA GLY A 262 -7.03 19.92 6.73
C GLY A 262 -8.01 19.22 7.66
N ASP A 263 -9.19 19.82 7.80
CA ASP A 263 -10.21 19.29 8.70
C ASP A 263 -10.61 17.86 8.33
N GLU A 264 -10.44 17.47 7.08
CA GLU A 264 -10.96 16.18 6.63
C GLU A 264 -10.17 14.99 7.18
N VAL A 265 -8.93 15.20 7.63
CA VAL A 265 -8.10 14.03 7.98
C VAL A 265 -8.54 13.40 9.29
N TYR A 266 -9.13 14.19 10.21
CA TYR A 266 -9.25 13.75 11.59
C TYR A 266 -10.15 12.54 11.74
N SER A 267 -11.09 12.35 10.82
CA SER A 267 -11.99 11.22 10.85
C SER A 267 -11.53 10.06 9.97
N ARG A 268 -10.42 10.22 9.26
CA ARG A 268 -9.97 9.26 8.28
C ARG A 268 -8.65 8.60 8.67
N ILE A 269 -8.42 8.39 9.97
CA ILE A 269 -7.21 7.70 10.46
C ILE A 269 -7.59 6.42 11.18
N PRO A 270 -7.65 5.28 10.50
CA PRO A 270 -8.02 4.05 11.22
C PRO A 270 -6.96 3.53 12.17
N GLN A 271 -5.67 3.77 11.90
CA GLN A 271 -4.56 3.14 12.64
C GLN A 271 -4.32 3.76 14.03
N PRO A 272 -3.70 3.00 14.94
CA PRO A 272 -3.32 3.55 16.25
C PRO A 272 -2.32 4.69 16.12
N LEU A 273 -2.41 5.64 17.05
CA LEU A 273 -1.67 6.88 16.94
C LEU A 273 -1.19 7.29 18.32
N PHE A 274 0.07 7.68 18.42
CA PHE A 274 0.69 8.01 19.70
C PHE A 274 1.27 9.41 19.59
N PHE A 275 0.85 10.30 20.50
CA PHE A 275 1.37 11.66 20.59
C PHE A 275 2.36 11.72 21.75
N ILE A 276 3.62 12.08 21.45
CA ILE A 276 4.62 12.33 22.49
C ILE A 276 4.98 13.81 22.41
N ASN A 277 4.62 14.57 23.43
CA ASN A 277 4.72 16.03 23.39
C ASN A 277 5.83 16.52 24.33
N SER A 278 6.38 17.68 24.00
CA SER A 278 7.22 18.37 24.97
C SER A 278 6.35 19.24 25.87
N GLU A 279 6.88 19.55 27.06
CA GLU A 279 6.09 20.34 28.01
C GLU A 279 5.96 21.79 27.55
N TYR A 280 7.00 22.35 26.97
CA TYR A 280 7.09 23.79 26.77
C TYR A 280 6.68 24.26 25.38
N PHE A 281 6.39 23.34 24.46
CA PHE A 281 6.02 23.75 23.11
C PHE A 281 4.50 23.91 22.92
N GLN A 282 3.70 23.10 23.63
CA GLN A 282 2.30 22.97 23.22
C GLN A 282 1.43 24.13 23.67
N TYR A 283 0.34 24.34 22.95
CA TYR A 283 -0.59 25.44 23.21
C TYR A 283 -1.98 24.99 22.80
N PRO A 284 -3.02 25.61 23.35
CA PRO A 284 -4.38 25.07 23.15
C PRO A 284 -4.80 24.93 21.69
N ALA A 285 -4.50 25.91 20.84
CA ALA A 285 -4.94 25.83 19.46
C ALA A 285 -4.34 24.63 18.74
N ASN A 286 -3.18 24.18 19.20
CA ASN A 286 -2.53 23.00 18.64
C ASN A 286 -3.12 21.73 19.25
N ILE A 287 -3.24 21.70 20.59
CA ILE A 287 -3.71 20.52 21.31
C ILE A 287 -5.14 20.17 20.90
N ILE A 288 -6.00 21.18 20.67
CA ILE A 288 -7.39 20.88 20.33
C ILE A 288 -7.47 20.03 19.06
N LYS A 289 -6.56 20.23 18.10
CA LYS A 289 -6.57 19.40 16.90
C LYS A 289 -6.12 17.97 17.20
N MET A 290 -5.20 17.77 18.16
CA MET A 290 -4.89 16.40 18.59
C MET A 290 -6.11 15.75 19.20
N LYS A 291 -6.89 16.49 19.99
CA LYS A 291 -8.05 15.87 20.61
C LYS A 291 -9.10 15.51 19.57
N LYS A 292 -9.12 16.20 18.43
CA LYS A 292 -10.06 15.85 17.37
C LYS A 292 -9.80 14.47 16.80
N CYS A 293 -8.61 13.92 16.99
CA CYS A 293 -8.30 12.57 16.53
C CYS A 293 -8.87 11.50 17.45
N TYR A 294 -9.31 11.85 18.66
CA TYR A 294 -9.73 10.84 19.63
C TYR A 294 -11.14 10.36 19.34
N SER A 295 -11.36 9.06 19.57
CA SER A 295 -12.64 8.40 19.32
C SER A 295 -12.61 7.05 20.02
N PRO A 296 -13.72 6.60 20.63
CA PRO A 296 -13.67 5.35 21.42
C PRO A 296 -13.35 4.11 20.61
N ASP A 297 -13.54 4.15 19.29
CA ASP A 297 -13.24 3.02 18.43
C ASP A 297 -11.78 2.99 17.97
N LYS A 298 -10.96 3.96 18.38
CA LYS A 298 -9.58 4.03 17.93
C LYS A 298 -8.64 4.16 19.12
N GLU A 299 -7.39 3.72 18.94
CA GLU A 299 -6.39 3.85 19.99
C GLU A 299 -5.59 5.13 19.77
N ARG A 300 -5.71 6.06 20.72
CA ARG A 300 -4.90 7.28 20.74
C ARG A 300 -4.30 7.40 22.14
N LYS A 301 -3.00 7.63 22.21
CA LYS A 301 -2.35 7.81 23.50
C LYS A 301 -1.55 9.09 23.41
N MET A 302 -1.40 9.77 24.55
CA MET A 302 -0.65 11.01 24.63
C MET A 302 0.14 11.05 25.93
N ILE A 303 1.42 11.42 25.82
CA ILE A 303 2.25 11.70 26.97
C ILE A 303 3.00 13.00 26.72
N THR A 304 3.36 13.67 27.82
CA THR A 304 4.14 14.89 27.76
C THR A 304 5.40 14.70 28.59
N ILE A 305 6.55 15.03 28.00
CA ILE A 305 7.84 14.86 28.67
C ILE A 305 8.10 16.11 29.52
N ARG A 306 8.13 15.92 30.84
CA ARG A 306 8.30 17.03 31.77
C ARG A 306 9.63 17.76 31.51
N GLY A 307 9.55 19.08 31.45
CA GLY A 307 10.73 19.92 31.36
C GLY A 307 11.38 19.99 29.99
N SER A 308 10.76 19.44 28.96
CA SER A 308 11.36 19.44 27.64
C SER A 308 10.87 20.61 26.78
N VAL A 309 11.67 20.91 25.77
CA VAL A 309 11.37 21.92 24.76
C VAL A 309 11.20 21.21 23.41
N HIS A 310 10.69 21.96 22.44
CA HIS A 310 10.37 21.40 21.12
C HIS A 310 11.56 20.64 20.53
N GLN A 311 12.76 21.19 20.66
CA GLN A 311 13.91 20.65 19.97
C GLN A 311 14.63 19.56 20.75
N ASN A 312 14.07 19.12 21.89
CA ASN A 312 14.62 17.93 22.55
C ASN A 312 14.52 16.69 21.67
N PHE A 313 13.67 16.70 20.66
CA PHE A 313 13.57 15.53 19.81
C PHE A 313 14.61 15.52 18.69
N ALA A 314 15.27 16.65 18.44
CA ALA A 314 16.20 16.82 17.32
C ALA A 314 17.64 16.88 17.80
N ASP A 315 18.56 16.54 16.88
CA ASP A 315 19.94 16.20 17.28
C ASP A 315 20.71 17.39 17.85
N PHE A 316 20.37 18.63 17.45
CA PHE A 316 21.13 19.75 18.03
C PHE A 316 20.93 19.89 19.53
N THR A 317 19.97 19.17 20.13
CA THR A 317 19.88 19.13 21.58
C THR A 317 21.12 18.49 22.22
N PHE A 318 21.92 17.76 21.44
CA PHE A 318 23.13 17.13 21.93
C PHE A 318 24.40 17.87 21.53
N ALA A 319 24.30 18.87 20.67
CA ALA A 319 25.46 19.42 19.98
C ALA A 319 26.14 20.56 20.73
N THR A 320 25.56 21.06 21.80
CA THR A 320 26.13 22.18 22.53
C THR A 320 26.16 21.86 24.01
N GLY A 321 26.83 22.72 24.76
CA GLY A 321 26.85 22.60 26.20
C GLY A 321 25.52 22.95 26.83
N LYS A 322 25.46 22.73 28.14
CA LYS A 322 24.18 22.85 28.84
C LYS A 322 23.67 24.29 28.84
N ILE A 323 24.56 25.28 28.99
CA ILE A 323 24.06 26.64 29.16
C ILE A 323 23.77 27.30 27.82
N ILE A 324 24.68 27.14 26.84
CA ILE A 324 24.41 27.65 25.50
C ILE A 324 23.19 26.96 24.89
N GLY A 325 23.05 25.65 25.14
CA GLY A 325 21.87 24.94 24.65
C GLY A 325 20.59 25.50 25.23
N HIS A 326 20.58 25.78 26.53
CA HIS A 326 19.37 26.33 27.14
C HIS A 326 19.04 27.69 26.56
N MET A 327 20.05 28.53 26.34
CA MET A 327 19.79 29.87 25.81
C MET A 327 19.26 29.81 24.39
N LEU A 328 19.73 28.87 23.58
CA LEU A 328 19.24 28.71 22.23
C LEU A 328 17.97 27.88 22.14
N LYS A 329 17.40 27.48 23.28
CA LYS A 329 16.19 26.66 23.32
C LYS A 329 16.41 25.30 22.65
N LEU A 330 17.66 24.85 22.61
CA LEU A 330 17.97 23.49 22.21
C LEU A 330 17.81 22.48 23.34
N LYS A 331 17.85 22.95 24.58
CA LYS A 331 17.78 22.10 25.74
C LYS A 331 16.71 22.65 26.67
N GLY A 332 16.06 21.76 27.40
CA GLY A 332 15.07 22.15 28.38
C GLY A 332 15.62 22.03 29.79
N ASP A 333 14.72 21.99 30.76
CA ASP A 333 15.15 21.75 32.12
C ASP A 333 15.62 20.31 32.30
N ILE A 334 15.07 19.38 31.54
CA ILE A 334 15.42 17.96 31.64
C ILE A 334 16.72 17.71 30.88
N ASP A 335 17.50 16.74 31.36
CA ASP A 335 18.69 16.29 30.61
C ASP A 335 18.26 15.75 29.24
N SER A 336 18.99 16.11 28.18
CA SER A 336 18.60 15.70 26.83
C SER A 336 18.65 14.18 26.65
N ASN A 337 19.58 13.50 27.31
CA ASN A 337 19.63 12.05 27.18
C ASN A 337 18.48 11.39 27.91
N VAL A 338 18.10 11.94 29.07
CA VAL A 338 16.94 11.41 29.78
C VAL A 338 15.68 11.59 28.95
N ALA A 339 15.53 12.75 28.32
CA ALA A 339 14.33 13.01 27.51
C ALA A 339 14.26 12.09 26.29
N ILE A 340 15.36 11.94 25.55
CA ILE A 340 15.30 11.12 24.34
C ILE A 340 15.11 9.65 24.70
N ASP A 341 15.66 9.21 25.84
CA ASP A 341 15.45 7.83 26.27
C ASP A 341 13.97 7.56 26.54
N LEU A 342 13.29 8.52 27.17
CA LEU A 342 11.86 8.34 27.44
C LEU A 342 11.07 8.28 26.15
N SER A 343 11.35 9.20 25.22
CA SER A 343 10.63 9.19 23.94
C SER A 343 10.90 7.89 23.17
N ASN A 344 12.15 7.45 23.13
CA ASN A 344 12.52 6.24 22.39
C ASN A 344 11.96 4.98 23.04
N LYS A 345 12.02 4.89 24.37
CA LYS A 345 11.50 3.70 25.03
C LYS A 345 9.98 3.63 24.92
N ALA A 346 9.28 4.75 25.12
CA ALA A 346 7.83 4.73 24.95
C ALA A 346 7.46 4.39 23.52
N SER A 347 8.23 4.90 22.55
CA SER A 347 7.99 4.58 21.15
C SER A 347 8.14 3.08 20.89
N LEU A 348 9.22 2.49 21.42
CA LEU A 348 9.45 1.06 21.20
C LEU A 348 8.31 0.22 21.78
N ALA A 349 7.81 0.59 22.96
CA ALA A 349 6.69 -0.15 23.54
C ALA A 349 5.45 -0.02 22.66
N PHE A 350 5.18 1.19 22.17
CA PHE A 350 4.00 1.38 21.34
C PHE A 350 4.15 0.60 20.03
N LEU A 351 5.36 0.60 19.45
CA LEU A 351 5.61 -0.14 18.22
C LEU A 351 5.45 -1.65 18.44
N GLN A 352 5.94 -2.17 19.57
CA GLN A 352 5.75 -3.59 19.86
C GLN A 352 4.27 -3.93 19.93
N LYS A 353 3.51 -3.13 20.68
CA LYS A 353 2.10 -3.40 20.85
C LYS A 353 1.34 -3.38 19.53
N HIS A 354 1.60 -2.38 18.68
CA HIS A 354 0.74 -2.22 17.51
C HIS A 354 1.33 -2.78 16.23
N LEU A 355 2.60 -3.19 16.24
CA LEU A 355 3.12 -3.95 15.11
C LEU A 355 3.21 -5.43 15.41
N GLY A 356 3.00 -5.83 16.67
CA GLY A 356 3.06 -7.23 17.04
C GLY A 356 4.46 -7.79 17.08
N LEU A 357 5.40 -7.03 17.65
CA LEU A 357 6.78 -7.47 17.72
C LEU A 357 6.95 -8.48 18.85
N HIS A 358 7.90 -9.39 18.67
CA HIS A 358 8.20 -10.36 19.71
C HIS A 358 9.53 -10.02 20.33
N LYS A 359 9.59 -8.86 20.97
CA LYS A 359 10.76 -8.34 21.65
C LYS A 359 10.37 -8.10 23.10
N ASP A 360 11.26 -7.44 23.83
CA ASP A 360 11.02 -7.12 25.23
C ASP A 360 10.66 -5.65 25.44
N PHE A 361 10.11 -5.00 24.41
CA PHE A 361 9.83 -3.56 24.53
C PHE A 361 8.63 -3.31 25.44
N ASP A 362 7.82 -4.33 25.69
CA ASP A 362 6.68 -4.15 26.58
C ASP A 362 7.11 -3.89 28.03
N GLN A 363 8.40 -4.04 28.35
CA GLN A 363 8.88 -3.60 29.65
C GLN A 363 8.65 -2.11 29.86
N TRP A 364 8.43 -1.35 28.79
CA TRP A 364 8.21 0.09 28.88
C TRP A 364 6.74 0.47 28.64
N ASP A 365 5.82 -0.49 28.72
CA ASP A 365 4.41 -0.18 28.53
C ASP A 365 3.95 0.92 29.47
N CYS A 366 4.50 0.97 30.69
CA CYS A 366 4.09 2.00 31.65
C CYS A 366 4.38 3.40 31.13
N LEU A 367 5.40 3.56 30.28
CA LEU A 367 5.69 4.88 29.72
C LEU A 367 4.58 5.35 28.77
N ILE A 368 3.91 4.43 28.09
CA ILE A 368 2.79 4.82 27.22
C ILE A 368 1.68 5.45 28.06
N GLU A 369 1.55 5.03 29.32
CA GLU A 369 0.57 5.60 30.25
C GLU A 369 1.07 6.86 30.95
N GLY A 370 2.29 7.32 30.66
CA GLY A 370 2.82 8.47 31.35
C GLY A 370 3.29 8.20 32.76
N ASP A 371 3.52 6.93 33.12
CA ASP A 371 3.84 6.56 34.51
C ASP A 371 5.36 6.60 34.71
N ASP A 372 5.88 7.81 34.94
CA ASP A 372 7.29 8.06 35.19
C ASP A 372 7.41 9.44 35.83
N GLU A 373 8.45 9.62 36.65
CA GLU A 373 8.59 10.92 37.32
C GLU A 373 8.76 12.07 36.33
N ASN A 374 9.23 11.78 35.11
CA ASN A 374 9.50 12.80 34.13
C ASN A 374 8.45 12.82 33.00
N LEU A 375 7.32 12.16 33.21
CA LEU A 375 6.23 12.14 32.24
C LEU A 375 4.94 12.66 32.86
N ILE A 376 4.12 13.27 32.03
CA ILE A 376 2.76 13.70 32.33
C ILE A 376 1.84 12.86 31.44
N PRO A 377 0.95 12.06 31.99
CA PRO A 377 -0.10 11.44 31.17
C PRO A 377 -0.96 12.52 30.52
N GLY A 378 -1.25 12.35 29.23
CA GLY A 378 -2.03 13.37 28.54
C GLY A 378 -1.18 14.61 28.35
N THR A 379 -1.77 15.77 28.68
CA THR A 379 -1.13 17.06 28.44
C THR A 379 -1.44 18.03 29.58
N ASN A 380 -0.51 18.96 29.82
CA ASN A 380 -0.79 20.08 30.73
C ASN A 380 -1.85 21.02 30.19
N ILE A 381 -2.07 21.03 28.87
CA ILE A 381 -3.09 21.85 28.24
C ILE A 381 -4.43 21.14 28.42
N ASN A 382 -5.26 21.64 29.33
CA ASN A 382 -6.61 21.10 29.50
C ASN A 382 -7.57 21.93 28.66
N THR A 383 -8.03 21.36 27.54
CA THR A 383 -8.82 22.12 26.58
C THR A 383 -10.10 21.37 26.18
N LYS B 14 -29.17 -17.11 -17.34
CA LYS B 14 -29.42 -17.95 -16.17
C LYS B 14 -28.24 -17.86 -15.20
N ILE B 15 -27.63 -16.69 -15.15
CA ILE B 15 -26.57 -16.43 -14.16
C ILE B 15 -27.22 -16.23 -12.79
N PRO B 16 -26.76 -16.91 -11.74
CA PRO B 16 -27.52 -16.91 -10.48
C PRO B 16 -27.49 -15.57 -9.77
N ARG B 17 -28.64 -15.19 -9.20
CA ARG B 17 -28.70 -14.02 -8.34
C ARG B 17 -27.83 -14.24 -7.09
N GLY B 18 -27.35 -13.13 -6.53
CA GLY B 18 -26.55 -13.22 -5.32
C GLY B 18 -27.32 -13.86 -4.18
N ASN B 19 -26.60 -14.57 -3.32
CA ASN B 19 -27.25 -15.28 -2.21
C ASN B 19 -27.27 -14.44 -0.93
N GLY B 20 -26.65 -13.28 -0.92
CA GLY B 20 -26.57 -12.46 0.27
C GLY B 20 -27.75 -11.52 0.44
N PRO B 21 -27.78 -10.77 1.54
CA PRO B 21 -28.97 -9.95 1.85
C PRO B 21 -29.01 -8.60 1.16
N TYR B 22 -27.89 -8.08 0.65
CA TYR B 22 -27.91 -6.81 -0.07
C TYR B 22 -28.40 -6.99 -1.49
N SER B 23 -29.20 -6.05 -1.96
CA SER B 23 -29.43 -5.96 -3.39
C SER B 23 -28.19 -5.38 -4.06
N VAL B 24 -28.00 -5.71 -5.33
CA VAL B 24 -26.74 -5.46 -6.03
C VAL B 24 -26.95 -4.53 -7.21
N GLY B 25 -26.09 -3.50 -7.31
CA GLY B 25 -26.02 -2.65 -8.47
C GLY B 25 -24.76 -2.92 -9.30
N CYS B 26 -24.76 -2.35 -10.51
CA CYS B 26 -23.64 -2.52 -11.44
C CYS B 26 -23.48 -1.28 -12.32
N THR B 27 -22.22 -0.91 -12.58
CA THR B 27 -21.91 0.18 -13.50
C THR B 27 -20.49 -0.04 -14.02
N ASP B 28 -20.09 0.74 -15.01
CA ASP B 28 -18.76 0.68 -15.59
C ASP B 28 -18.04 1.99 -15.35
N LEU B 29 -16.71 1.91 -15.16
CA LEU B 29 -15.87 3.08 -14.97
C LEU B 29 -14.63 2.97 -15.84
N MET B 30 -14.40 3.98 -16.68
CA MET B 30 -13.15 4.13 -17.42
C MET B 30 -12.52 5.48 -17.10
N PHE B 31 -11.30 5.46 -16.58
CA PHE B 31 -10.56 6.68 -16.27
C PHE B 31 -9.09 6.37 -16.08
N ASP B 32 -8.20 7.02 -16.84
CA ASP B 32 -8.62 7.95 -17.88
C ASP B 32 -9.09 7.21 -19.14
N HIS B 33 -9.21 7.93 -20.26
CA HIS B 33 -9.80 7.35 -21.46
C HIS B 33 -8.80 6.57 -22.31
N THR B 34 -7.51 6.61 -21.97
CA THR B 34 -6.46 5.98 -22.76
C THR B 34 -6.35 4.49 -22.43
N ASN B 35 -5.56 3.76 -23.23
CA ASN B 35 -5.35 2.35 -22.93
C ASN B 35 -4.35 2.14 -21.79
N LYS B 36 -3.86 3.22 -21.18
CA LYS B 36 -3.11 3.21 -19.94
C LYS B 36 -3.97 3.54 -18.73
N GLY B 37 -5.21 3.96 -18.95
CA GLY B 37 -6.14 4.21 -17.88
C GLY B 37 -6.68 2.92 -17.27
N THR B 38 -7.59 3.09 -16.33
CA THR B 38 -8.27 2.00 -15.65
C THR B 38 -9.64 1.79 -16.29
N PHE B 39 -9.99 0.53 -16.55
CA PHE B 39 -11.31 0.14 -17.05
C PHE B 39 -11.81 -0.98 -16.16
N LEU B 40 -12.97 -0.78 -15.53
CA LEU B 40 -13.49 -1.80 -14.61
C LEU B 40 -15.01 -1.79 -14.62
N ARG B 41 -15.57 -2.94 -14.29
CA ARG B 41 -16.99 -3.07 -13.99
C ARG B 41 -17.14 -3.16 -12.49
N LEU B 42 -18.03 -2.34 -11.94
CA LEU B 42 -18.26 -2.30 -10.51
C LEU B 42 -19.53 -3.06 -10.16
N TYR B 43 -19.44 -3.92 -9.15
CA TYR B 43 -20.60 -4.49 -8.47
C TYR B 43 -20.60 -4.03 -7.02
N TYR B 44 -21.76 -3.63 -6.51
CA TYR B 44 -21.78 -2.96 -5.21
C TYR B 44 -23.16 -3.15 -4.59
N PRO B 45 -23.27 -3.09 -3.26
CA PRO B 45 -24.60 -3.10 -2.63
C PRO B 45 -25.37 -1.83 -2.98
N SER B 46 -26.57 -2.02 -3.51
CA SER B 46 -27.38 -0.93 -4.05
C SER B 46 -28.58 -0.64 -3.15
N GLN B 47 -29.06 0.60 -3.26
CA GLN B 47 -30.28 0.99 -2.55
C GLN B 47 -31.49 0.34 -3.17
N ASP B 48 -31.62 0.44 -4.48
CA ASP B 48 -32.80 -0.07 -5.18
C ASP B 48 -32.67 -1.56 -5.45
N ASN B 49 -33.83 -2.24 -5.50
CA ASN B 49 -33.92 -3.63 -5.90
C ASN B 49 -34.85 -3.80 -7.09
N ASP B 50 -35.10 -2.72 -7.84
CA ASP B 50 -36.22 -2.67 -8.79
C ASP B 50 -35.99 -3.58 -9.99
N ARG B 51 -34.88 -3.38 -10.72
CA ARG B 51 -34.63 -4.08 -11.97
C ARG B 51 -33.32 -4.86 -11.89
N LEU B 52 -33.25 -5.96 -12.63
CA LEU B 52 -32.02 -6.73 -12.82
C LEU B 52 -31.69 -6.72 -14.31
N ASP B 53 -31.24 -5.56 -14.81
CA ASP B 53 -31.24 -5.25 -16.23
C ASP B 53 -29.85 -5.02 -16.79
N THR B 54 -28.80 -5.48 -16.11
CA THR B 54 -27.46 -5.23 -16.62
C THR B 54 -27.18 -6.13 -17.81
N LEU B 55 -26.78 -5.53 -18.92
CA LEU B 55 -26.41 -6.30 -20.10
C LEU B 55 -25.11 -7.07 -19.83
N TRP B 56 -25.14 -8.38 -20.11
CA TRP B 56 -24.02 -9.24 -19.73
C TRP B 56 -22.79 -8.99 -20.59
N ILE B 57 -22.92 -9.06 -21.91
CA ILE B 57 -21.83 -8.80 -22.83
C ILE B 57 -22.28 -7.68 -23.78
N PRO B 58 -21.85 -6.44 -23.51
CA PRO B 58 -22.53 -5.27 -24.09
C PRO B 58 -22.09 -4.81 -25.48
N ASN B 59 -21.02 -5.35 -26.06
CA ASN B 59 -20.60 -4.88 -27.38
C ASN B 59 -20.30 -6.03 -28.31
N LYS B 60 -20.56 -5.82 -29.60
CA LYS B 60 -20.39 -6.90 -30.58
C LYS B 60 -18.93 -7.35 -30.68
N GLU B 61 -18.00 -6.44 -30.41
CA GLU B 61 -16.58 -6.75 -30.57
C GLU B 61 -16.11 -7.80 -29.57
N TYR B 62 -16.78 -7.91 -28.42
CA TYR B 62 -16.45 -8.95 -27.47
C TYR B 62 -16.76 -10.33 -28.05
N PHE B 63 -17.86 -10.44 -28.79
CA PHE B 63 -18.16 -11.73 -29.43
C PHE B 63 -17.17 -12.02 -30.55
N TRP B 64 -16.82 -11.01 -31.34
CA TRP B 64 -15.77 -11.21 -32.34
C TRP B 64 -14.48 -11.65 -31.68
N GLY B 65 -14.12 -11.00 -30.58
CA GLY B 65 -12.90 -11.39 -29.86
C GLY B 65 -12.97 -12.80 -29.31
N LEU B 66 -14.13 -13.17 -28.77
CA LEU B 66 -14.31 -14.53 -28.29
C LEU B 66 -14.16 -15.54 -29.42
N SER B 67 -14.71 -15.23 -30.59
CA SER B 67 -14.53 -16.13 -31.72
C SER B 67 -13.05 -16.30 -32.07
N LYS B 68 -12.31 -15.18 -32.11
CA LYS B 68 -10.88 -15.26 -32.40
C LYS B 68 -10.16 -16.11 -31.37
N PHE B 69 -10.46 -15.90 -30.08
CA PHE B 69 -9.85 -16.69 -29.01
C PHE B 69 -10.09 -18.18 -29.19
N LEU B 70 -11.32 -18.56 -29.54
CA LEU B 70 -11.67 -19.97 -29.68
C LEU B 70 -11.16 -20.60 -30.96
N GLY B 71 -10.61 -19.82 -31.89
CA GLY B 71 -10.06 -20.34 -33.13
C GLY B 71 -10.96 -20.31 -34.35
N THR B 72 -12.10 -19.61 -34.27
CA THR B 72 -13.01 -19.40 -35.39
C THR B 72 -12.89 -17.94 -35.86
N HIS B 73 -13.85 -17.50 -36.67
CA HIS B 73 -13.71 -16.19 -37.33
C HIS B 73 -15.01 -15.41 -37.23
N TRP B 74 -15.18 -14.45 -38.15
CA TRP B 74 -16.25 -13.47 -38.05
C TRP B 74 -17.63 -14.10 -38.07
N LEU B 75 -17.78 -15.22 -38.79
CA LEU B 75 -19.09 -15.86 -38.84
C LEU B 75 -19.50 -16.39 -37.48
N MET B 76 -18.57 -17.07 -36.79
CA MET B 76 -18.88 -17.57 -35.46
C MET B 76 -19.15 -16.43 -34.48
N GLY B 77 -18.43 -15.32 -34.61
CA GLY B 77 -18.66 -14.19 -33.72
C GLY B 77 -20.08 -13.68 -33.79
N ASN B 78 -20.63 -13.56 -35.00
CA ASN B 78 -22.00 -13.08 -35.14
C ASN B 78 -23.01 -14.09 -34.63
N ILE B 79 -22.69 -15.40 -34.74
CA ILE B 79 -23.55 -16.42 -34.17
C ILE B 79 -23.64 -16.26 -32.65
N LEU B 80 -22.49 -16.16 -32.00
CA LEU B 80 -22.51 -15.95 -30.55
C LEU B 80 -23.24 -14.66 -30.21
N ARG B 81 -23.11 -13.64 -31.06
CA ARG B 81 -23.82 -12.38 -30.82
C ARG B 81 -25.34 -12.58 -30.88
N LEU B 82 -25.82 -13.33 -31.87
CA LEU B 82 -27.26 -13.61 -31.93
C LEU B 82 -27.70 -14.42 -30.71
N LEU B 83 -26.85 -15.33 -30.25
CA LEU B 83 -27.23 -16.24 -29.16
C LEU B 83 -27.25 -15.54 -27.80
N PHE B 84 -26.22 -14.74 -27.50
CA PHE B 84 -26.06 -14.23 -26.14
C PHE B 84 -26.06 -12.71 -26.03
N GLY B 85 -26.23 -11.99 -27.14
CA GLY B 85 -26.06 -10.54 -27.17
C GLY B 85 -27.10 -9.75 -26.40
N SER B 86 -28.22 -10.36 -26.03
CA SER B 86 -29.20 -9.66 -25.21
C SER B 86 -29.38 -10.27 -23.83
N MET B 87 -28.60 -11.30 -23.49
CA MET B 87 -28.67 -11.89 -22.16
C MET B 87 -28.24 -10.87 -21.11
N THR B 88 -28.91 -10.92 -19.96
CA THR B 88 -28.59 -10.01 -18.86
C THR B 88 -28.00 -10.79 -17.70
N THR B 89 -27.54 -10.05 -16.69
CA THR B 89 -27.04 -10.61 -15.45
C THR B 89 -27.68 -9.88 -14.27
N PRO B 90 -28.00 -10.60 -13.18
CA PRO B 90 -28.89 -10.03 -12.16
C PRO B 90 -28.24 -8.97 -11.28
N ALA B 91 -27.99 -7.80 -11.87
CA ALA B 91 -27.58 -6.61 -11.12
C ALA B 91 -28.34 -5.41 -11.67
N ASN B 92 -28.62 -4.45 -10.80
CA ASN B 92 -29.40 -3.27 -11.16
C ASN B 92 -28.47 -2.23 -11.76
N TRP B 93 -28.53 -2.05 -13.07
CA TRP B 93 -27.64 -1.17 -13.81
C TRP B 93 -27.77 0.26 -13.31
N ASN B 94 -26.67 0.83 -12.84
CA ASN B 94 -26.59 2.22 -12.40
C ASN B 94 -27.45 2.53 -11.19
N SER B 95 -27.83 1.52 -10.42
CA SER B 95 -28.58 1.76 -9.19
C SER B 95 -27.71 2.52 -8.18
N PRO B 96 -28.32 3.40 -7.37
CA PRO B 96 -27.52 4.15 -6.38
C PRO B 96 -26.85 3.23 -5.37
N LEU B 97 -25.65 3.62 -4.95
CA LEU B 97 -24.92 2.87 -3.93
C LEU B 97 -25.63 2.96 -2.60
N ARG B 98 -25.77 1.81 -1.92
CA ARG B 98 -26.38 1.80 -0.59
C ARG B 98 -25.55 2.63 0.37
N PRO B 99 -26.06 3.75 0.86
CA PRO B 99 -25.28 4.62 1.73
C PRO B 99 -25.24 4.06 3.15
N GLY B 100 -24.52 4.77 4.02
CA GLY B 100 -24.54 4.51 5.45
C GLY B 100 -23.46 3.60 5.99
N GLU B 101 -22.58 3.06 5.15
CA GLU B 101 -21.60 2.10 5.65
C GLU B 101 -20.38 2.05 4.73
N LYS B 102 -19.26 1.61 5.30
CA LYS B 102 -18.01 1.42 4.57
C LYS B 102 -17.90 -0.05 4.18
N TYR B 103 -17.55 -0.30 2.92
CA TYR B 103 -17.55 -1.67 2.45
C TYR B 103 -16.13 -2.16 2.20
N PRO B 104 -15.85 -3.43 2.45
CA PRO B 104 -14.59 -4.01 1.97
C PRO B 104 -14.60 -4.08 0.46
N LEU B 105 -13.40 -4.09 -0.13
CA LEU B 105 -13.24 -3.96 -1.56
C LEU B 105 -12.46 -5.16 -2.11
N VAL B 106 -12.99 -5.77 -3.18
CA VAL B 106 -12.33 -6.83 -3.92
C VAL B 106 -11.97 -6.28 -5.29
N VAL B 107 -10.73 -6.48 -5.72
CA VAL B 107 -10.33 -6.25 -7.10
C VAL B 107 -10.23 -7.61 -7.77
N PHE B 108 -10.90 -7.78 -8.90
CA PHE B 108 -11.03 -9.07 -9.55
C PHE B 108 -10.35 -9.05 -10.92
N SER B 109 -9.56 -10.09 -11.21
CA SER B 109 -8.82 -10.24 -12.47
C SER B 109 -9.31 -11.44 -13.29
N HIS B 110 -9.67 -11.20 -14.56
CA HIS B 110 -10.21 -12.21 -15.47
C HIS B 110 -9.11 -13.06 -16.11
N GLY B 111 -9.52 -14.19 -16.68
CA GLY B 111 -8.58 -15.10 -17.32
C GLY B 111 -8.25 -14.71 -18.76
N LEU B 112 -7.41 -15.53 -19.38
CA LEU B 112 -7.05 -15.32 -20.79
C LEU B 112 -8.27 -15.51 -21.68
N GLY B 113 -8.45 -14.60 -22.63
CA GLY B 113 -9.61 -14.64 -23.49
C GLY B 113 -10.91 -14.17 -22.85
N ALA B 114 -10.89 -13.78 -21.59
CA ALA B 114 -12.10 -13.24 -21.01
C ALA B 114 -12.05 -11.72 -21.06
N PHE B 115 -12.90 -11.07 -20.27
CA PHE B 115 -12.92 -9.62 -20.12
C PHE B 115 -13.72 -9.33 -18.85
N ARG B 116 -14.02 -8.06 -18.60
CA ARG B 116 -14.45 -7.64 -17.26
C ARG B 116 -15.82 -8.20 -16.86
N THR B 117 -16.68 -8.54 -17.82
CA THR B 117 -18.08 -8.83 -17.49
C THR B 117 -18.37 -10.32 -17.27
N LEU B 118 -17.40 -11.22 -17.48
CA LEU B 118 -17.65 -12.65 -17.55
C LEU B 118 -17.52 -13.35 -16.22
N TYR B 119 -17.38 -12.61 -15.13
CA TYR B 119 -17.33 -13.22 -13.81
C TYR B 119 -18.35 -12.56 -12.90
N SER B 120 -19.54 -12.29 -13.46
CA SER B 120 -20.57 -11.61 -12.69
C SER B 120 -21.23 -12.54 -11.67
N ALA B 121 -21.23 -13.86 -11.90
CA ALA B 121 -21.78 -14.75 -10.86
C ALA B 121 -21.04 -14.55 -9.55
N ILE B 122 -19.71 -14.46 -9.62
CA ILE B 122 -18.90 -14.23 -8.43
C ILE B 122 -19.04 -12.79 -7.96
N GLY B 123 -18.92 -11.82 -8.87
CA GLY B 123 -18.99 -10.42 -8.48
C GLY B 123 -20.30 -10.06 -7.81
N ILE B 124 -21.41 -10.56 -8.35
CA ILE B 124 -22.72 -10.26 -7.77
C ILE B 124 -22.87 -10.93 -6.41
N ASP B 125 -22.42 -12.17 -6.28
CA ASP B 125 -22.58 -12.83 -4.99
C ASP B 125 -21.75 -12.14 -3.90
N LEU B 126 -20.54 -11.69 -4.24
CA LEU B 126 -19.75 -10.93 -3.27
C LEU B 126 -20.44 -9.60 -2.94
N ALA B 127 -20.96 -8.89 -3.95
CA ALA B 127 -21.63 -7.64 -3.65
C ALA B 127 -22.87 -7.86 -2.78
N SER B 128 -23.61 -8.94 -3.04
CA SER B 128 -24.80 -9.24 -2.25
C SER B 128 -24.49 -9.51 -0.78
N HIS B 129 -23.23 -9.73 -0.44
CA HIS B 129 -22.80 -9.93 0.94
C HIS B 129 -22.06 -8.72 1.51
N GLY B 130 -22.16 -7.56 0.86
CA GLY B 130 -21.63 -6.33 1.41
C GLY B 130 -20.27 -5.90 0.89
N PHE B 131 -19.81 -6.45 -0.23
CA PHE B 131 -18.54 -6.07 -0.84
C PHE B 131 -18.78 -5.11 -2.00
N ILE B 132 -17.84 -4.22 -2.23
CA ILE B 132 -17.70 -3.59 -3.54
C ILE B 132 -16.67 -4.40 -4.32
N VAL B 133 -17.00 -4.73 -5.57
CA VAL B 133 -16.13 -5.53 -6.42
C VAL B 133 -15.77 -4.71 -7.66
N ALA B 134 -14.48 -4.55 -7.90
CA ALA B 134 -13.95 -3.87 -9.09
C ALA B 134 -13.34 -4.94 -10.01
N ALA B 135 -14.10 -5.35 -11.01
CA ALA B 135 -13.64 -6.34 -12.00
C ALA B 135 -12.93 -5.59 -13.13
N VAL B 136 -11.61 -5.68 -13.15
CA VAL B 136 -10.84 -4.88 -14.11
C VAL B 136 -10.94 -5.52 -15.49
N GLU B 137 -10.80 -4.70 -16.51
CA GLU B 137 -10.59 -5.20 -17.86
C GLU B 137 -9.13 -4.92 -18.21
N HIS B 138 -8.37 -5.97 -18.45
CA HIS B 138 -6.95 -5.81 -18.71
C HIS B 138 -6.69 -5.36 -20.14
N ARG B 139 -5.66 -4.53 -20.29
CA ARG B 139 -5.18 -4.03 -21.57
C ARG B 139 -3.81 -4.61 -21.93
N ASP B 140 -3.45 -5.75 -21.31
CA ASP B 140 -2.21 -6.47 -21.63
C ASP B 140 -2.33 -7.32 -22.88
N ARG B 141 -3.45 -7.21 -23.60
CA ARG B 141 -3.77 -8.01 -24.79
C ARG B 141 -4.04 -9.47 -24.45
N SER B 142 -4.39 -9.74 -23.18
CA SER B 142 -4.92 -11.05 -22.80
C SER B 142 -6.44 -11.12 -22.85
N ALA B 143 -7.13 -9.99 -22.91
CA ALA B 143 -8.59 -10.03 -23.05
C ALA B 143 -8.95 -10.39 -24.48
N SER B 144 -10.02 -11.17 -24.65
CA SER B 144 -10.52 -11.44 -26.01
C SER B 144 -10.64 -10.15 -26.81
N ALA B 145 -11.21 -9.12 -26.19
CA ALA B 145 -11.24 -7.75 -26.72
C ALA B 145 -11.30 -6.79 -25.54
N THR B 146 -10.84 -5.56 -25.79
CA THR B 146 -11.11 -4.42 -24.93
C THR B 146 -11.03 -3.16 -25.80
N TYR B 147 -11.40 -2.02 -25.22
CA TYR B 147 -11.33 -0.79 -25.99
C TYR B 147 -10.86 0.37 -25.11
N TYR B 148 -10.57 1.47 -25.79
CA TYR B 148 -10.16 2.74 -25.19
C TYR B 148 -10.54 3.85 -26.18
N PHE B 149 -10.13 5.07 -25.89
CA PHE B 149 -10.43 6.19 -26.77
C PHE B 149 -9.14 6.91 -27.13
N LYS B 150 -9.00 7.26 -28.41
CA LYS B 150 -7.76 7.91 -28.83
C LYS B 150 -7.62 9.31 -28.24
N ASP B 151 -8.74 9.97 -27.93
CA ASP B 151 -8.69 11.28 -27.28
C ASP B 151 -10.07 11.58 -26.70
N GLN B 152 -10.14 12.71 -25.99
CA GLN B 152 -11.40 13.07 -25.34
C GLN B 152 -12.52 13.26 -26.37
N SER B 153 -12.19 13.85 -27.53
CA SER B 153 -13.20 14.04 -28.57
C SER B 153 -13.81 12.71 -28.97
N ALA B 154 -12.97 11.70 -29.19
CA ALA B 154 -13.46 10.35 -29.49
C ALA B 154 -14.33 9.82 -28.36
N ALA B 155 -13.91 10.03 -27.10
CA ALA B 155 -14.70 9.52 -25.99
C ALA B 155 -16.08 10.17 -25.94
N GLU B 156 -16.17 11.45 -26.34
CA GLU B 156 -17.43 12.17 -26.23
C GLU B 156 -18.50 11.65 -27.18
N ILE B 157 -18.12 11.07 -28.32
CA ILE B 157 -19.13 10.58 -29.24
C ILE B 157 -19.24 9.06 -29.17
N GLY B 158 -18.82 8.47 -28.07
CA GLY B 158 -18.95 7.04 -27.92
C GLY B 158 -18.15 6.30 -29.00
N ASP B 159 -17.23 7.06 -29.57
CA ASP B 159 -16.28 6.69 -30.60
C ASP B 159 -15.34 5.74 -29.82
N LYS B 160 -15.26 4.40 -30.11
CA LYS B 160 -14.42 3.38 -29.39
C LYS B 160 -13.27 2.82 -30.23
N SER B 161 -12.08 2.64 -29.65
CA SER B 161 -10.96 1.96 -30.33
C SER B 161 -10.65 0.59 -29.72
N TRP B 162 -10.67 -0.47 -30.53
CA TRP B 162 -10.61 -1.84 -30.00
C TRP B 162 -9.21 -2.48 -30.12
N LEU B 163 -8.88 -3.30 -29.12
CA LEU B 163 -7.63 -4.06 -29.07
C LEU B 163 -7.99 -5.52 -28.80
N TYR B 164 -7.59 -6.41 -29.70
CA TYR B 164 -7.97 -7.82 -29.61
C TYR B 164 -6.84 -8.65 -29.02
N LEU B 165 -7.21 -9.82 -28.50
CA LEU B 165 -6.25 -10.76 -27.96
C LEU B 165 -5.09 -10.97 -28.94
N ARG B 166 -3.88 -10.96 -28.40
CA ARG B 166 -2.68 -11.32 -29.17
C ARG B 166 -2.43 -12.81 -29.02
N THR B 167 -2.21 -13.48 -30.14
CA THR B 167 -1.71 -14.85 -30.14
C THR B 167 -0.19 -14.82 -30.17
N LEU B 168 0.43 -15.82 -29.54
CA LEU B 168 1.86 -15.80 -29.30
C LEU B 168 2.54 -17.01 -29.95
N LYS B 169 3.74 -16.78 -30.47
CA LYS B 169 4.60 -17.87 -30.86
C LYS B 169 5.12 -18.60 -29.63
N GLN B 170 5.35 -19.90 -29.78
CA GLN B 170 5.80 -20.73 -28.66
C GLN B 170 7.11 -20.21 -28.06
N GLU B 171 8.02 -19.73 -28.91
CA GLU B 171 9.28 -19.17 -28.41
C GLU B 171 9.07 -17.90 -27.61
N GLU B 172 7.92 -17.24 -27.78
CA GLU B 172 7.61 -16.00 -27.09
C GLU B 172 6.94 -16.21 -25.73
N GLU B 173 6.32 -17.36 -25.50
CA GLU B 173 5.30 -17.47 -24.46
C GLU B 173 5.86 -17.13 -23.08
N THR B 174 7.01 -17.70 -22.73
CA THR B 174 7.54 -17.50 -21.39
C THR B 174 7.75 -16.01 -21.09
N HIS B 175 8.40 -15.31 -22.00
CA HIS B 175 8.71 -13.91 -21.74
C HIS B 175 7.44 -13.06 -21.75
N ILE B 176 6.62 -13.20 -22.78
CA ILE B 176 5.49 -12.30 -22.92
C ILE B 176 4.45 -12.55 -21.81
N ARG B 177 4.19 -13.82 -21.46
CA ARG B 177 3.22 -14.09 -20.39
C ARG B 177 3.65 -13.46 -19.07
N ASN B 178 4.95 -13.44 -18.79
CA ASN B 178 5.43 -12.80 -17.56
C ASN B 178 5.29 -11.28 -17.65
N GLU B 179 5.64 -10.69 -18.79
CA GLU B 179 5.45 -9.25 -18.95
C GLU B 179 3.97 -8.88 -18.85
N GLN B 180 3.10 -9.75 -19.36
CA GLN B 180 1.66 -9.53 -19.25
C GLN B 180 1.20 -9.58 -17.79
N VAL B 181 1.66 -10.57 -17.02
CA VAL B 181 1.21 -10.63 -15.62
C VAL B 181 1.75 -9.45 -14.83
N ARG B 182 2.88 -8.89 -15.24
CA ARG B 182 3.35 -7.68 -14.56
C ARG B 182 2.45 -6.49 -14.91
N GLN B 183 2.04 -6.38 -16.18
CA GLN B 183 1.09 -5.32 -16.54
C GLN B 183 -0.24 -5.54 -15.82
N ARG B 184 -0.66 -6.80 -15.65
CA ARG B 184 -1.92 -7.08 -14.97
C ARG B 184 -1.87 -6.63 -13.51
N ALA B 185 -0.74 -6.88 -12.85
CA ALA B 185 -0.59 -6.45 -11.47
C ALA B 185 -0.61 -4.93 -11.39
N LYS B 186 0.09 -4.27 -12.31
CA LYS B 186 0.06 -2.82 -12.36
C LYS B 186 -1.36 -2.31 -12.52
N GLU B 187 -2.16 -3.00 -13.34
CA GLU B 187 -3.54 -2.58 -13.57
C GLU B 187 -4.44 -2.84 -12.36
N CYS B 188 -4.19 -3.92 -11.60
CA CYS B 188 -4.94 -4.13 -10.36
C CYS B 188 -4.56 -3.07 -9.32
N SER B 189 -3.26 -2.75 -9.21
CA SER B 189 -2.81 -1.70 -8.29
C SER B 189 -3.34 -0.33 -8.71
N GLN B 190 -3.36 -0.05 -10.01
CA GLN B 190 -3.89 1.22 -10.47
C GLN B 190 -5.39 1.35 -10.20
N ALA B 191 -6.13 0.25 -10.38
CA ALA B 191 -7.57 0.31 -10.12
C ALA B 191 -7.84 0.52 -8.63
N LEU B 192 -7.06 -0.15 -7.77
CA LEU B 192 -7.17 0.11 -6.35
C LEU B 192 -6.91 1.58 -6.04
N SER B 193 -5.81 2.12 -6.59
CA SER B 193 -5.46 3.52 -6.32
C SER B 193 -6.58 4.45 -6.78
N LEU B 194 -7.19 4.15 -7.93
CA LEU B 194 -8.30 4.97 -8.43
C LEU B 194 -9.47 4.98 -7.46
N ILE B 195 -9.90 3.80 -7.01
CA ILE B 195 -11.05 3.73 -6.10
C ILE B 195 -10.72 4.38 -4.77
N LEU B 196 -9.49 4.20 -4.28
CA LEU B 196 -9.09 4.84 -3.02
C LEU B 196 -9.07 6.36 -3.15
N ASP B 197 -8.61 6.88 -4.29
CA ASP B 197 -8.61 8.33 -4.51
C ASP B 197 -10.03 8.87 -4.59
N ILE B 198 -10.92 8.13 -5.26
CA ILE B 198 -12.33 8.51 -5.29
C ILE B 198 -12.92 8.49 -3.89
N ASP B 199 -12.60 7.43 -3.13
CA ASP B 199 -13.03 7.36 -1.73
C ASP B 199 -12.63 8.61 -0.93
N HIS B 200 -11.49 9.22 -1.24
CA HIS B 200 -11.06 10.43 -0.55
C HIS B 200 -11.33 11.71 -1.34
N GLY B 201 -12.31 11.67 -2.25
CA GLY B 201 -12.83 12.87 -2.88
C GLY B 201 -12.19 13.30 -4.19
N LYS B 202 -11.36 12.45 -4.80
CA LYS B 202 -10.76 12.85 -6.08
C LYS B 202 -11.85 12.97 -7.14
N PRO B 203 -11.94 14.10 -7.85
CA PRO B 203 -12.92 14.20 -8.94
C PRO B 203 -12.41 13.43 -10.14
N VAL B 204 -13.30 12.64 -10.74
CA VAL B 204 -12.96 11.82 -11.90
C VAL B 204 -14.09 11.96 -12.91
N LYS B 205 -13.70 12.14 -14.17
CA LYS B 205 -14.67 12.23 -15.26
C LYS B 205 -14.70 10.88 -15.96
N ASN B 206 -15.76 10.12 -15.72
CA ASN B 206 -15.92 8.82 -16.36
C ASN B 206 -15.92 8.99 -17.88
N ALA B 207 -14.96 8.33 -18.57
CA ALA B 207 -14.90 8.42 -20.02
C ALA B 207 -16.15 7.83 -20.65
N LEU B 208 -16.84 6.95 -19.95
CA LEU B 208 -18.15 6.48 -20.35
C LEU B 208 -19.18 7.39 -19.72
N ASP B 209 -20.22 7.73 -20.46
CA ASP B 209 -21.17 8.73 -19.98
C ASP B 209 -22.38 7.99 -19.41
N LEU B 210 -22.26 7.57 -18.16
CA LEU B 210 -23.26 6.72 -17.53
C LEU B 210 -23.95 7.47 -16.38
N LYS B 211 -25.19 7.07 -16.11
CA LYS B 211 -26.04 7.73 -15.11
C LYS B 211 -25.78 7.15 -13.72
N PHE B 212 -24.52 7.21 -13.30
CA PHE B 212 -24.09 6.79 -11.97
C PHE B 212 -23.01 7.77 -11.55
N ASP B 213 -23.25 8.49 -10.47
CA ASP B 213 -22.30 9.51 -10.02
C ASP B 213 -21.21 8.86 -9.17
N MET B 214 -19.97 8.91 -9.65
CA MET B 214 -18.86 8.31 -8.92
C MET B 214 -18.61 8.95 -7.57
N GLU B 215 -19.14 10.16 -7.33
CA GLU B 215 -18.97 10.82 -6.03
C GLU B 215 -19.67 10.06 -4.91
N GLN B 216 -20.65 9.21 -5.23
CA GLN B 216 -21.25 8.33 -4.22
C GLN B 216 -20.21 7.52 -3.48
N LEU B 217 -19.09 7.20 -4.13
CA LEU B 217 -18.10 6.32 -3.52
C LEU B 217 -17.25 7.02 -2.47
N LYS B 218 -17.34 8.35 -2.35
CA LYS B 218 -16.60 9.06 -1.32
C LYS B 218 -16.91 8.48 0.05
N ASP B 219 -15.86 8.19 0.83
CA ASP B 219 -15.99 7.63 2.17
C ASP B 219 -16.82 6.35 2.19
N SER B 220 -16.79 5.57 1.11
CA SER B 220 -17.55 4.32 1.04
C SER B 220 -16.70 3.08 1.23
N ILE B 221 -15.38 3.22 1.31
CA ILE B 221 -14.45 2.10 1.25
C ILE B 221 -13.82 1.89 2.62
N ASP B 222 -13.82 0.64 3.09
CA ASP B 222 -13.00 0.29 4.26
C ASP B 222 -11.60 0.04 3.75
N ARG B 223 -10.77 1.08 3.84
CA ARG B 223 -9.45 1.11 3.21
C ARG B 223 -8.50 0.08 3.78
N GLU B 224 -8.83 -0.56 4.90
CA GLU B 224 -7.98 -1.61 5.47
C GLU B 224 -8.41 -3.02 5.08
N LYS B 225 -9.57 -3.19 4.44
CA LYS B 225 -10.11 -4.50 4.08
C LYS B 225 -10.16 -4.63 2.56
N ILE B 226 -8.99 -4.81 1.96
CA ILE B 226 -8.81 -4.88 0.51
C ILE B 226 -8.27 -6.27 0.14
N ALA B 227 -8.89 -6.90 -0.85
CA ALA B 227 -8.47 -8.22 -1.33
C ALA B 227 -8.39 -8.22 -2.86
N VAL B 228 -7.60 -9.15 -3.39
CA VAL B 228 -7.53 -9.38 -4.84
C VAL B 228 -7.90 -10.84 -5.10
N ILE B 229 -8.78 -11.05 -6.10
CA ILE B 229 -9.28 -12.36 -6.48
C ILE B 229 -9.21 -12.45 -8.00
N GLY B 230 -8.98 -13.65 -8.52
CA GLY B 230 -8.87 -13.80 -9.98
C GLY B 230 -8.87 -15.25 -10.40
N HIS B 231 -9.22 -15.47 -11.67
CA HIS B 231 -9.36 -16.80 -12.26
C HIS B 231 -8.32 -17.01 -13.34
N SER B 232 -7.63 -18.17 -13.30
CA SER B 232 -6.76 -18.64 -14.39
C SER B 232 -5.58 -17.68 -14.52
N PHE B 233 -5.39 -17.00 -15.67
CA PHE B 233 -4.41 -15.90 -15.73
C PHE B 233 -4.62 -14.94 -14.57
N GLY B 234 -5.89 -14.70 -14.21
CA GLY B 234 -6.20 -13.84 -13.09
C GLY B 234 -5.77 -14.40 -11.76
N GLY B 235 -5.61 -15.72 -11.65
CA GLY B 235 -5.07 -16.28 -10.42
C GLY B 235 -3.58 -16.03 -10.29
N ALA B 236 -2.82 -16.16 -11.39
CA ALA B 236 -1.44 -15.69 -11.37
C ALA B 236 -1.37 -14.19 -11.07
N THR B 237 -2.33 -13.43 -11.60
CA THR B 237 -2.36 -11.99 -11.32
C THR B 237 -2.54 -11.74 -9.82
N VAL B 238 -3.39 -12.52 -9.16
CA VAL B 238 -3.52 -12.40 -7.70
C VAL B 238 -2.15 -12.47 -7.04
N ILE B 239 -1.36 -13.46 -7.40
CA ILE B 239 -0.08 -13.68 -6.74
C ILE B 239 0.90 -12.54 -7.07
N GLN B 240 0.98 -12.15 -8.33
CA GLN B 240 1.91 -11.06 -8.67
C GLN B 240 1.50 -9.76 -7.98
N THR B 241 0.20 -9.48 -7.93
CA THR B 241 -0.30 -8.27 -7.30
C THR B 241 0.00 -8.25 -5.81
N LEU B 242 -0.23 -9.39 -5.12
CA LEU B 242 0.09 -9.43 -3.69
C LEU B 242 1.57 -9.15 -3.45
N SER B 243 2.45 -9.75 -4.25
CA SER B 243 3.88 -9.53 -4.08
C SER B 243 4.27 -8.07 -4.32
N GLU B 244 3.59 -7.38 -5.23
CA GLU B 244 3.95 -6.01 -5.56
C GLU B 244 3.25 -4.96 -4.69
N ASP B 245 2.10 -5.27 -4.11
CA ASP B 245 1.23 -4.26 -3.52
C ASP B 245 0.79 -4.68 -2.12
N GLN B 246 1.46 -4.16 -1.11
CA GLN B 246 1.16 -4.50 0.28
C GLN B 246 -0.17 -3.94 0.77
N ARG B 247 -0.84 -3.06 0.01
CA ARG B 247 -2.19 -2.64 0.42
C ARG B 247 -3.18 -3.80 0.41
N PHE B 248 -3.01 -4.74 -0.51
CA PHE B 248 -3.87 -5.93 -0.54
C PHE B 248 -3.58 -6.82 0.65
N ARG B 249 -4.62 -7.19 1.40
CA ARG B 249 -4.42 -7.92 2.65
C ARG B 249 -4.48 -9.43 2.49
N CYS B 250 -5.17 -9.93 1.47
CA CYS B 250 -5.18 -11.36 1.19
C CYS B 250 -5.57 -11.55 -0.27
N GLY B 251 -5.42 -12.77 -0.75
CA GLY B 251 -5.73 -13.08 -2.13
C GLY B 251 -6.37 -14.45 -2.23
N ILE B 252 -7.27 -14.57 -3.20
CA ILE B 252 -7.89 -15.85 -3.52
C ILE B 252 -7.65 -16.12 -4.99
N ALA B 253 -6.96 -17.24 -5.28
CA ALA B 253 -6.61 -17.63 -6.64
C ALA B 253 -7.55 -18.75 -7.08
N LEU B 254 -8.42 -18.44 -8.03
CA LEU B 254 -9.40 -19.41 -8.52
C LEU B 254 -8.79 -20.14 -9.72
N ASP B 255 -8.44 -21.40 -9.52
CA ASP B 255 -7.83 -22.21 -10.59
C ASP B 255 -6.70 -21.44 -11.30
N ALA B 256 -5.73 -21.02 -10.49
CA ALA B 256 -4.62 -20.24 -11.03
C ALA B 256 -3.86 -21.01 -12.11
N TRP B 257 -3.56 -20.31 -13.20
CA TRP B 257 -2.62 -20.76 -14.21
C TRP B 257 -1.26 -20.17 -13.85
N MET B 258 -0.35 -20.99 -13.32
CA MET B 258 0.86 -20.45 -12.70
C MET B 258 1.96 -20.12 -13.70
N PHE B 259 1.86 -20.59 -14.94
CA PHE B 259 2.90 -20.42 -15.94
C PHE B 259 3.46 -18.99 -16.04
N PRO B 260 2.66 -17.93 -16.03
CA PRO B 260 3.21 -16.57 -16.22
C PRO B 260 4.19 -16.11 -15.16
N LEU B 261 4.16 -16.70 -13.96
CA LEU B 261 4.91 -16.13 -12.84
C LEU B 261 6.40 -16.46 -12.94
N GLY B 262 7.23 -15.49 -12.58
CA GLY B 262 8.66 -15.71 -12.50
C GLY B 262 9.04 -16.44 -11.21
N ASP B 263 10.19 -17.11 -11.26
CA ASP B 263 10.60 -17.95 -10.14
C ASP B 263 10.81 -17.13 -8.87
N GLU B 264 11.13 -15.86 -9.01
CA GLU B 264 11.44 -15.00 -7.85
C GLU B 264 10.21 -14.71 -7.00
N VAL B 265 9.01 -14.86 -7.53
CA VAL B 265 7.84 -14.35 -6.82
C VAL B 265 7.35 -15.30 -5.73
N TYR B 266 7.63 -16.60 -5.86
CA TYR B 266 6.98 -17.60 -5.01
C TYR B 266 7.32 -17.41 -3.54
N SER B 267 8.54 -16.97 -3.22
CA SER B 267 8.93 -16.73 -1.85
C SER B 267 8.63 -15.31 -1.39
N ARG B 268 7.91 -14.52 -2.19
CA ARG B 268 7.74 -13.10 -1.94
C ARG B 268 6.26 -12.72 -1.83
N ILE B 269 5.47 -13.57 -1.18
CA ILE B 269 4.04 -13.32 -0.99
C ILE B 269 3.73 -13.32 0.51
N PRO B 270 3.75 -12.15 1.16
CA PRO B 270 3.51 -12.13 2.61
C PRO B 270 2.07 -12.43 3.01
N GLN B 271 1.07 -12.09 2.18
CA GLN B 271 -0.33 -12.13 2.60
C GLN B 271 -0.91 -13.54 2.55
N PRO B 272 -1.97 -13.79 3.31
CA PRO B 272 -2.67 -15.07 3.23
C PRO B 272 -3.22 -15.31 1.83
N LEU B 273 -3.15 -16.56 1.38
CA LEU B 273 -3.48 -16.88 0.00
C LEU B 273 -4.23 -18.21 -0.06
N PHE B 274 -5.35 -18.21 -0.78
CA PHE B 274 -6.27 -19.34 -0.85
C PHE B 274 -6.31 -19.78 -2.31
N PHE B 275 -6.01 -21.05 -2.56
CA PHE B 275 -6.15 -21.64 -3.88
C PHE B 275 -7.44 -22.44 -3.94
N ILE B 276 -8.36 -22.07 -4.80
CA ILE B 276 -9.58 -22.84 -5.04
C ILE B 276 -9.51 -23.37 -6.47
N ASN B 277 -9.32 -24.68 -6.60
CA ASN B 277 -9.04 -25.33 -7.87
C ASN B 277 -10.25 -26.07 -8.42
N SER B 278 -10.32 -26.15 -9.74
CA SER B 278 -11.17 -27.18 -10.32
C SER B 278 -10.44 -28.52 -10.29
N GLU B 279 -11.21 -29.61 -10.45
CA GLU B 279 -10.58 -30.92 -10.48
C GLU B 279 -9.85 -31.15 -11.80
N TYR B 280 -10.52 -30.94 -12.92
CA TYR B 280 -9.97 -31.39 -14.19
C TYR B 280 -9.03 -30.40 -14.86
N PHE B 281 -8.90 -29.16 -14.38
CA PHE B 281 -7.92 -28.29 -15.00
C PHE B 281 -6.51 -28.64 -14.57
N GLN B 282 -6.33 -29.18 -13.38
CA GLN B 282 -5.03 -29.10 -12.73
C GLN B 282 -4.09 -30.20 -13.22
N TYR B 283 -2.79 -29.93 -13.07
CA TYR B 283 -1.76 -30.84 -13.53
C TYR B 283 -0.53 -30.62 -12.66
N PRO B 284 0.34 -31.63 -12.54
CA PRO B 284 1.47 -31.51 -11.60
C PRO B 284 2.33 -30.27 -11.75
N ALA B 285 2.74 -29.92 -12.97
CA ALA B 285 3.61 -28.77 -13.16
C ALA B 285 3.00 -27.51 -12.56
N ASN B 286 1.68 -27.39 -12.66
CA ASN B 286 0.96 -26.24 -12.09
C ASN B 286 0.86 -26.35 -10.57
N ILE B 287 0.53 -27.53 -10.06
CA ILE B 287 0.42 -27.74 -8.60
C ILE B 287 1.76 -27.51 -7.92
N ILE B 288 2.86 -27.96 -8.55
CA ILE B 288 4.19 -27.74 -8.00
C ILE B 288 4.41 -26.26 -7.72
N LYS B 289 3.99 -25.40 -8.65
CA LYS B 289 4.20 -23.97 -8.47
C LYS B 289 3.35 -23.40 -7.36
N MET B 290 2.09 -23.85 -7.23
CA MET B 290 1.30 -23.47 -6.08
C MET B 290 2.01 -23.83 -4.78
N LYS B 291 2.53 -25.06 -4.69
CA LYS B 291 3.18 -25.49 -3.46
C LYS B 291 4.46 -24.71 -3.18
N LYS B 292 5.12 -24.20 -4.23
CA LYS B 292 6.28 -23.35 -4.02
C LYS B 292 5.94 -22.06 -3.27
N CYS B 293 4.66 -21.67 -3.26
CA CYS B 293 4.23 -20.50 -2.52
C CYS B 293 4.08 -20.77 -1.03
N TYR B 294 4.18 -22.03 -0.61
CA TYR B 294 3.93 -22.39 0.78
C TYR B 294 5.17 -22.16 1.64
N SER B 295 4.95 -21.69 2.85
CA SER B 295 6.02 -21.48 3.81
C SER B 295 5.45 -21.72 5.20
N PRO B 296 6.27 -22.23 6.13
CA PRO B 296 5.77 -22.45 7.51
C PRO B 296 5.17 -21.20 8.14
N ASP B 297 5.74 -20.03 7.88
CA ASP B 297 5.33 -18.78 8.51
C ASP B 297 4.28 -18.02 7.71
N LYS B 298 3.61 -18.68 6.76
CA LYS B 298 2.65 -17.98 5.93
C LYS B 298 1.38 -18.80 5.83
N GLU B 299 0.26 -18.09 5.72
CA GLU B 299 -1.06 -18.70 5.69
C GLU B 299 -1.41 -19.08 4.26
N ARG B 300 -1.61 -20.38 4.04
CA ARG B 300 -1.97 -20.88 2.71
C ARG B 300 -3.01 -21.97 2.88
N LYS B 301 -4.02 -21.94 2.02
CA LYS B 301 -5.06 -22.95 2.01
C LYS B 301 -5.32 -23.37 0.56
N MET B 302 -5.80 -24.59 0.39
CA MET B 302 -6.13 -25.09 -0.94
C MET B 302 -7.27 -26.08 -0.82
N ILE B 303 -8.24 -25.96 -1.74
CA ILE B 303 -9.30 -26.96 -1.90
C ILE B 303 -9.52 -27.19 -3.40
N THR B 304 -10.10 -28.34 -3.71
CA THR B 304 -10.39 -28.72 -5.09
C THR B 304 -11.87 -29.10 -5.16
N ILE B 305 -12.60 -28.53 -6.12
CA ILE B 305 -14.02 -28.83 -6.27
C ILE B 305 -14.15 -30.08 -7.12
N ARG B 306 -14.66 -31.15 -6.52
CA ARG B 306 -14.73 -32.43 -7.20
C ARG B 306 -15.66 -32.36 -8.41
N GLY B 307 -15.21 -32.92 -9.53
CA GLY B 307 -16.00 -32.97 -10.75
C GLY B 307 -15.96 -31.72 -11.60
N SER B 308 -15.37 -30.63 -11.11
CA SER B 308 -15.44 -29.36 -11.82
C SER B 308 -14.35 -29.26 -12.88
N VAL B 309 -14.60 -28.36 -13.85
CA VAL B 309 -13.70 -28.05 -14.94
C VAL B 309 -13.28 -26.58 -14.81
N HIS B 310 -12.29 -26.18 -15.61
CA HIS B 310 -11.70 -24.84 -15.52
C HIS B 310 -12.76 -23.75 -15.58
N GLN B 311 -13.75 -23.90 -16.47
CA GLN B 311 -14.67 -22.81 -16.73
C GLN B 311 -15.89 -22.82 -15.82
N ASN B 312 -15.94 -23.71 -14.82
CA ASN B 312 -16.98 -23.61 -13.79
C ASN B 312 -16.93 -22.28 -13.05
N PHE B 313 -15.80 -21.56 -13.10
CA PHE B 313 -15.68 -20.29 -12.38
C PHE B 313 -16.18 -19.09 -13.18
N ALA B 314 -16.37 -19.24 -14.48
CA ALA B 314 -16.73 -18.15 -15.38
C ALA B 314 -18.16 -18.30 -15.83
N ASP B 315 -18.73 -17.20 -16.33
CA ASP B 315 -20.19 -17.10 -16.45
C ASP B 315 -20.77 -17.97 -17.56
N PHE B 316 -19.99 -18.36 -18.57
CA PHE B 316 -20.57 -19.20 -19.62
C PHE B 316 -20.92 -20.60 -19.12
N THR B 317 -20.43 -20.99 -17.94
CA THR B 317 -20.91 -22.22 -17.32
C THR B 317 -22.41 -22.18 -17.02
N PHE B 318 -23.04 -21.00 -17.04
CA PHE B 318 -24.47 -20.87 -16.82
C PHE B 318 -25.27 -20.56 -18.09
N ALA B 319 -24.62 -20.36 -19.23
CA ALA B 319 -25.26 -19.76 -20.38
C ALA B 319 -25.78 -20.78 -21.39
N THR B 320 -25.50 -22.06 -21.22
CA THR B 320 -26.02 -23.10 -22.10
C THR B 320 -26.64 -24.19 -21.25
N GLY B 321 -27.26 -25.17 -21.93
CA GLY B 321 -27.82 -26.30 -21.24
C GLY B 321 -26.76 -27.34 -20.90
N LYS B 322 -27.19 -28.35 -20.14
CA LYS B 322 -26.28 -29.36 -19.62
C LYS B 322 -25.52 -30.07 -20.75
N ILE B 323 -26.23 -30.48 -21.80
CA ILE B 323 -25.61 -31.33 -22.82
C ILE B 323 -24.62 -30.53 -23.65
N ILE B 324 -25.04 -29.35 -24.12
CA ILE B 324 -24.13 -28.48 -24.85
C ILE B 324 -23.00 -28.01 -23.94
N GLY B 325 -23.31 -27.75 -22.67
CA GLY B 325 -22.30 -27.27 -21.74
C GLY B 325 -21.15 -28.26 -21.57
N HIS B 326 -21.48 -29.54 -21.42
CA HIS B 326 -20.42 -30.54 -21.28
C HIS B 326 -19.62 -30.67 -22.56
N MET B 327 -20.28 -30.60 -23.72
CA MET B 327 -19.57 -30.75 -24.98
C MET B 327 -18.52 -29.67 -25.15
N LEU B 328 -18.83 -28.43 -24.75
CA LEU B 328 -17.95 -27.29 -24.93
C LEU B 328 -17.00 -27.09 -23.76
N LYS B 329 -16.96 -28.02 -22.81
CA LYS B 329 -16.13 -27.91 -21.61
C LYS B 329 -16.53 -26.71 -20.75
N LEU B 330 -17.78 -26.27 -20.87
CA LEU B 330 -18.30 -25.21 -20.03
C LEU B 330 -18.88 -25.74 -18.72
N LYS B 331 -19.24 -27.02 -18.68
CA LYS B 331 -19.75 -27.67 -17.48
C LYS B 331 -18.96 -28.94 -17.19
N GLY B 332 -18.87 -29.29 -15.91
CA GLY B 332 -18.29 -30.52 -15.46
C GLY B 332 -19.32 -31.50 -14.95
N ASP B 333 -18.85 -32.48 -14.18
CA ASP B 333 -19.76 -33.48 -13.62
C ASP B 333 -20.60 -32.93 -12.49
N ILE B 334 -20.20 -31.84 -11.91
CA ILE B 334 -20.94 -31.20 -10.82
C ILE B 334 -21.86 -30.15 -11.43
N ASP B 335 -22.99 -29.91 -10.74
CA ASP B 335 -23.90 -28.84 -11.12
C ASP B 335 -23.21 -27.49 -10.99
N SER B 336 -23.41 -26.62 -11.98
CA SER B 336 -22.69 -25.34 -12.01
C SER B 336 -23.06 -24.45 -10.83
N ASN B 337 -24.33 -24.46 -10.42
CA ASN B 337 -24.73 -23.68 -9.26
C ASN B 337 -24.13 -24.22 -7.97
N VAL B 338 -24.07 -25.55 -7.84
CA VAL B 338 -23.44 -26.14 -6.65
C VAL B 338 -21.95 -25.76 -6.59
N ALA B 339 -21.29 -25.78 -7.75
CA ALA B 339 -19.86 -25.51 -7.79
C ALA B 339 -19.56 -24.05 -7.44
N ILE B 340 -20.32 -23.11 -8.01
CA ILE B 340 -20.02 -21.71 -7.72
C ILE B 340 -20.43 -21.36 -6.29
N ASP B 341 -21.44 -22.05 -5.74
CA ASP B 341 -21.82 -21.81 -4.34
C ASP B 341 -20.70 -22.22 -3.40
N LEU B 342 -20.08 -23.37 -3.66
CA LEU B 342 -18.95 -23.82 -2.84
C LEU B 342 -17.79 -22.82 -2.93
N SER B 343 -17.42 -22.43 -4.15
CA SER B 343 -16.33 -21.46 -4.30
C SER B 343 -16.66 -20.16 -3.57
N ASN B 344 -17.89 -19.67 -3.74
CA ASN B 344 -18.28 -18.38 -3.19
C ASN B 344 -18.32 -18.41 -1.67
N LYS B 345 -18.90 -19.47 -1.10
CA LYS B 345 -18.99 -19.57 0.37
C LYS B 345 -17.62 -19.75 0.99
N ALA B 346 -16.79 -20.63 0.41
CA ALA B 346 -15.43 -20.76 0.92
C ALA B 346 -14.68 -19.43 0.82
N SER B 347 -14.87 -18.70 -0.28
CA SER B 347 -14.20 -17.40 -0.41
C SER B 347 -14.64 -16.46 0.69
N LEU B 348 -15.94 -16.38 0.95
CA LEU B 348 -16.45 -15.51 2.00
C LEU B 348 -15.84 -15.86 3.36
N ALA B 349 -15.72 -17.16 3.67
CA ALA B 349 -15.13 -17.53 4.95
C ALA B 349 -13.66 -17.11 5.04
N PHE B 350 -12.92 -17.31 3.95
CA PHE B 350 -11.51 -16.88 3.92
C PHE B 350 -11.39 -15.36 4.02
N LEU B 351 -12.24 -14.62 3.31
CA LEU B 351 -12.16 -13.16 3.39
C LEU B 351 -12.52 -12.67 4.80
N GLN B 352 -13.50 -13.29 5.44
CA GLN B 352 -13.81 -12.86 6.81
C GLN B 352 -12.60 -13.08 7.71
N LYS B 353 -11.96 -14.24 7.59
CA LYS B 353 -10.84 -14.58 8.45
C LYS B 353 -9.69 -13.60 8.28
N HIS B 354 -9.33 -13.26 7.05
CA HIS B 354 -8.09 -12.53 6.84
C HIS B 354 -8.28 -11.05 6.55
N LEU B 355 -9.52 -10.58 6.35
CA LEU B 355 -9.81 -9.16 6.37
C LEU B 355 -10.37 -8.69 7.70
N GLY B 356 -10.76 -9.61 8.59
CA GLY B 356 -11.37 -9.24 9.84
C GLY B 356 -12.80 -8.76 9.74
N LEU B 357 -13.62 -9.40 8.90
CA LEU B 357 -15.01 -8.97 8.76
C LEU B 357 -15.85 -9.39 9.97
N HIS B 358 -16.91 -8.62 10.21
CA HIS B 358 -17.84 -8.92 11.31
C HIS B 358 -19.16 -9.44 10.78
N LYS B 359 -19.10 -10.56 10.08
CA LYS B 359 -20.26 -11.19 9.48
C LYS B 359 -20.34 -12.61 10.02
N ASP B 360 -21.24 -13.41 9.46
CA ASP B 360 -21.40 -14.79 9.86
C ASP B 360 -20.85 -15.75 8.82
N PHE B 361 -19.87 -15.30 8.04
CA PHE B 361 -19.24 -16.14 7.03
C PHE B 361 -18.40 -17.24 7.62
N ASP B 362 -18.02 -17.14 8.91
CA ASP B 362 -17.33 -18.25 9.53
C ASP B 362 -18.23 -19.49 9.65
N GLN B 363 -19.52 -19.39 9.33
CA GLN B 363 -20.33 -20.59 9.23
C GLN B 363 -19.83 -21.51 8.13
N TRP B 364 -19.03 -21.02 7.19
CA TRP B 364 -18.48 -21.83 6.11
C TRP B 364 -17.00 -22.13 6.28
N ASP B 365 -16.48 -22.00 7.51
CA ASP B 365 -15.06 -22.29 7.75
C ASP B 365 -14.69 -23.71 7.35
N CYS B 366 -15.62 -24.67 7.53
CA CYS B 366 -15.34 -26.04 7.14
C CYS B 366 -14.97 -26.16 5.67
N LEU B 367 -15.50 -25.29 4.82
CA LEU B 367 -15.20 -25.37 3.40
C LEU B 367 -13.77 -24.95 3.10
N ILE B 368 -13.19 -24.06 3.91
CA ILE B 368 -11.77 -23.72 3.74
C ILE B 368 -10.91 -24.97 3.88
N GLU B 369 -11.34 -25.90 4.71
CA GLU B 369 -10.59 -27.13 4.99
C GLU B 369 -10.97 -28.26 4.04
N GLY B 370 -11.92 -28.04 3.13
CA GLY B 370 -12.37 -29.09 2.22
C GLY B 370 -13.36 -30.04 2.80
N ASP B 371 -14.08 -29.66 3.87
CA ASP B 371 -14.98 -30.56 4.58
C ASP B 371 -16.38 -30.50 3.96
N ASP B 372 -16.52 -31.16 2.81
CA ASP B 372 -17.77 -31.23 2.07
C ASP B 372 -17.68 -32.40 1.12
N GLU B 373 -18.84 -33.01 0.82
CA GLU B 373 -18.87 -34.15 -0.07
C GLU B 373 -18.34 -33.81 -1.45
N ASN B 374 -18.43 -32.55 -1.86
CA ASN B 374 -18.00 -32.12 -3.19
C ASN B 374 -16.64 -31.43 -3.18
N LEU B 375 -15.93 -31.46 -2.06
CA LEU B 375 -14.60 -30.84 -1.94
C LEU B 375 -13.53 -31.89 -1.61
N ILE B 376 -12.33 -31.62 -2.10
CA ILE B 376 -11.12 -32.33 -1.69
C ILE B 376 -10.25 -31.33 -0.93
N PRO B 377 -9.82 -31.65 0.29
CA PRO B 377 -8.79 -30.79 0.93
C PRO B 377 -7.52 -30.83 0.11
N GLY B 378 -6.97 -29.64 -0.16
CA GLY B 378 -5.79 -29.59 -1.01
C GLY B 378 -6.11 -30.00 -2.43
N THR B 379 -5.31 -30.91 -2.97
CA THR B 379 -5.48 -31.40 -4.33
C THR B 379 -5.30 -32.91 -4.33
N ASN B 380 -5.88 -33.60 -5.33
CA ASN B 380 -5.62 -35.03 -5.44
C ASN B 380 -4.33 -35.33 -6.20
N ILE B 381 -3.72 -34.34 -6.82
CA ILE B 381 -2.43 -34.51 -7.48
C ILE B 381 -1.32 -34.51 -6.44
N ASN B 382 -0.38 -35.45 -6.57
CA ASN B 382 0.76 -35.53 -5.67
C ASN B 382 2.01 -34.99 -6.34
N THR B 383 2.84 -34.28 -5.57
CA THR B 383 4.07 -33.70 -6.08
C THR B 383 5.19 -33.99 -5.09
N THR B 384 6.42 -33.90 -5.57
CA THR B 384 7.58 -34.05 -4.71
C THR B 384 7.68 -32.87 -3.74
#